data_5JWA
#
_entry.id   5JWA
#
_cell.length_a   191.670
_cell.length_b   191.670
_cell.length_c   91.388
_cell.angle_alpha   90.000
_cell.angle_beta   90.000
_cell.angle_gamma   90.000
#
_symmetry.space_group_name_H-M   'I 41'
#
loop_
_entity.id
_entity.type
_entity.pdbx_description
1 polymer 'NADH dehydrogenase, putative'
2 non-polymer 'FLAVIN-ADENINE DINUCLEOTIDE'
3 non-polymer 'MAGNESIUM ION'
4 non-polymer 'FRAGMENT OF TRITON X-100'
5 non-polymer 'ACETATE ION'
6 water water
#
_entity_poly.entity_id   1
_entity_poly.type   'polypeptide(L)'
_entity_poly.pdbx_seq_one_letter_code
;MRGSHHHHHHGSNVAKNNLKNNKDIERKEKIIILGSGWGGFNFLLNIDFKKYDVTLISPRNYFTFTPLLPCLCSGTLSVN
VCTESIRNFLRKKNGYCGNYLQLECTDVFYEDKYINCIDIENNKVKLFYDYLIIAVGAKTNTFNINGVDKYAYFVKDIDD
ALKIRKKFLDILEKCTLPNISNEEKKKMLHVAVVGGGPTGVEVTAEFADFINKEVKINYKDIFNFISISIIEGGNNLLPT
FTQNISDFTKENFHNLNINVLTNYYVIDVDKHSFHIQSSLNKNEKKKLSYGLLIWASGLAQTTLIQKFLKTIPVQANNAI
LKVDEKLRVIGIPSNNIYAIGDCKKIQPKLLHEHTNEIIKILTGNKLTSEALKLKQSELTKTFPQLSISKWDYEKNKKGE
MTPQQFHDYLFEIDKNYKSPTPTAQNAKQEAYYLSNVFNNFIHTNQKFNIPSFIEKWKGSLAYIGNHQVVADLPYYELKG
GRFSSTFWKVVYIQLLLSWKSRFHFFIDFIKTKWYGRPFIK
;
_entity_poly.pdbx_strand_id   A,H
#
loop_
_chem_comp.id
_chem_comp.type
_chem_comp.name
_chem_comp.formula
ACT non-polymer 'ACETATE ION' 'C2 H3 O2 -1'
FAD non-polymer 'FLAVIN-ADENINE DINUCLEOTIDE' 'C27 H33 N9 O15 P2'
MG non-polymer 'MAGNESIUM ION' 'Mg 2'
TRT non-polymer 'FRAGMENT OF TRITON X-100' 'C21 H36 O4'
#
# COMPACT_ATOMS: atom_id res chain seq x y z
N ARG A 27 -32.18 -24.40 7.61
CA ARG A 27 -31.77 -25.79 7.71
C ARG A 27 -31.16 -26.29 6.40
N LYS A 28 -30.53 -25.38 5.65
CA LYS A 28 -29.68 -25.80 4.55
C LYS A 28 -28.47 -26.52 5.14
N GLU A 29 -27.92 -27.50 4.44
CA GLU A 29 -26.67 -28.10 4.86
C GLU A 29 -25.55 -27.06 4.87
N LYS A 30 -24.68 -27.14 5.86
CA LYS A 30 -23.64 -26.15 6.06
C LYS A 30 -22.31 -26.61 5.46
N ILE A 31 -21.77 -25.83 4.53
CA ILE A 31 -20.43 -26.06 4.01
C ILE A 31 -19.49 -25.02 4.58
N ILE A 32 -18.46 -25.48 5.28
CA ILE A 32 -17.36 -24.59 5.68
C ILE A 32 -16.16 -24.77 4.73
N ILE A 33 -15.74 -23.67 4.13
CA ILE A 33 -14.53 -23.63 3.30
C ILE A 33 -13.37 -23.06 4.10
N LEU A 34 -12.27 -23.80 4.21
CA LEU A 34 -11.10 -23.27 4.87
C LEU A 34 -10.13 -22.75 3.83
N GLY A 35 -9.87 -21.43 3.86
CA GLY A 35 -8.88 -20.82 2.99
C GLY A 35 -9.50 -19.90 1.96
N SER A 36 -8.85 -18.78 1.69
CA SER A 36 -9.34 -17.84 0.68
C SER A 36 -8.40 -17.78 -0.52
N GLY A 37 -7.71 -18.89 -0.82
CA GLY A 37 -6.76 -18.91 -1.92
C GLY A 37 -7.37 -19.49 -3.20
N TRP A 38 -6.52 -20.03 -4.08
CA TRP A 38 -7.00 -20.50 -5.38
C TRP A 38 -8.07 -21.57 -5.24
N GLY A 39 -7.89 -22.49 -4.32
CA GLY A 39 -8.92 -23.48 -4.09
C GLY A 39 -10.17 -22.92 -3.42
N GLY A 40 -10.00 -22.30 -2.25
CA GLY A 40 -11.16 -21.87 -1.48
C GLY A 40 -12.01 -20.81 -2.17
N PHE A 41 -11.36 -19.81 -2.75
CA PHE A 41 -12.05 -18.72 -3.43
C PHE A 41 -12.79 -19.20 -4.68
N ASN A 42 -12.17 -20.07 -5.45
CA ASN A 42 -12.82 -20.52 -6.68
C ASN A 42 -13.97 -21.46 -6.34
N PHE A 43 -13.86 -22.19 -5.23
CA PHE A 43 -14.99 -23.00 -4.81
C PHE A 43 -16.16 -22.06 -4.47
N LEU A 44 -15.86 -21.03 -3.68
CA LEU A 44 -16.85 -20.00 -3.32
C LEU A 44 -17.53 -19.41 -4.56
N LEU A 45 -16.74 -19.11 -5.59
CA LEU A 45 -17.24 -18.48 -6.80
C LEU A 45 -18.27 -19.37 -7.54
N ASN A 46 -18.16 -20.68 -7.39
CA ASN A 46 -19.03 -21.58 -8.14
C ASN A 46 -20.09 -22.31 -7.30
N ILE A 47 -19.95 -22.30 -5.98
CA ILE A 47 -20.86 -23.07 -5.14
C ILE A 47 -22.22 -22.38 -5.12
N ASP A 48 -23.28 -23.17 -5.25
CA ASP A 48 -24.63 -22.61 -5.28
C ASP A 48 -25.07 -22.22 -3.86
N PHE A 49 -25.18 -20.92 -3.64
CA PHE A 49 -25.57 -20.39 -2.34
C PHE A 49 -27.04 -20.67 -2.02
N LYS A 50 -27.82 -20.93 -3.06
CA LYS A 50 -29.23 -21.27 -2.84
C LYS A 50 -29.34 -22.67 -2.23
N LYS A 51 -28.50 -23.60 -2.69
CA LYS A 51 -28.58 -25.00 -2.23
C LYS A 51 -27.85 -25.24 -0.91
N TYR A 52 -26.90 -24.37 -0.58
CA TYR A 52 -26.08 -24.61 0.58
C TYR A 52 -25.93 -23.36 1.41
N ASP A 53 -25.74 -23.55 2.70
CA ASP A 53 -25.30 -22.45 3.55
C ASP A 53 -23.78 -22.47 3.61
N VAL A 54 -23.14 -21.53 2.93
CA VAL A 54 -21.69 -21.55 2.81
C VAL A 54 -20.98 -20.48 3.63
N THR A 55 -20.02 -20.90 4.44
CA THR A 55 -19.14 -19.96 5.13
C THR A 55 -17.69 -20.22 4.76
N LEU A 56 -17.00 -19.19 4.28
CA LEU A 56 -15.57 -19.29 4.06
C LEU A 56 -14.83 -18.73 5.27
N ILE A 57 -13.86 -19.48 5.74
CA ILE A 57 -13.09 -19.06 6.90
C ILE A 57 -11.62 -18.94 6.53
N SER A 58 -11.07 -17.75 6.73
CA SER A 58 -9.67 -17.50 6.42
C SER A 58 -9.14 -16.29 7.18
N PRO A 59 -7.89 -16.35 7.64
CA PRO A 59 -7.32 -15.17 8.31
C PRO A 59 -7.06 -14.05 7.33
N ARG A 60 -7.13 -14.37 6.03
CA ARG A 60 -6.87 -13.41 4.96
C ARG A 60 -8.20 -13.06 4.31
N ASN A 61 -8.62 -11.80 4.40
CA ASN A 61 -9.95 -11.47 3.88
C ASN A 61 -9.95 -11.15 2.38
N TYR A 62 -8.90 -11.54 1.69
CA TYR A 62 -8.86 -11.40 0.24
C TYR A 62 -8.24 -12.64 -0.39
N PHE A 63 -8.50 -12.80 -1.68
CA PHE A 63 -7.83 -13.79 -2.50
C PHE A 63 -6.59 -13.14 -3.14
N THR A 64 -5.51 -13.90 -3.25
CA THR A 64 -4.28 -13.40 -3.88
C THR A 64 -4.01 -14.06 -5.20
N PHE A 65 -3.97 -13.26 -6.26
CA PHE A 65 -3.65 -13.75 -7.58
C PHE A 65 -2.13 -13.93 -7.64
N THR A 66 -1.68 -15.06 -7.10
CA THR A 66 -0.25 -15.34 -6.90
C THR A 66 0.67 -15.24 -8.14
N PRO A 67 0.18 -15.60 -9.35
CA PRO A 67 1.12 -15.50 -10.48
C PRO A 67 1.67 -14.09 -10.73
N LEU A 68 0.96 -13.06 -10.27
CA LEU A 68 1.41 -11.70 -10.55
C LEU A 68 2.19 -11.10 -9.40
N LEU A 69 2.39 -11.88 -8.34
CA LEU A 69 3.15 -11.38 -7.18
C LEU A 69 4.56 -10.85 -7.54
N PRO A 70 5.28 -11.49 -8.49
CA PRO A 70 6.61 -10.96 -8.79
C PRO A 70 6.61 -9.53 -9.35
N CYS A 71 5.57 -9.19 -10.11
CA CYS A 71 5.35 -7.83 -10.62
C CYS A 71 5.14 -6.82 -9.52
N LEU A 72 4.67 -7.30 -8.37
CA LEU A 72 4.44 -6.43 -7.23
C LEU A 72 5.76 -6.11 -6.54
N CYS A 73 6.72 -7.04 -6.59
CA CYS A 73 8.05 -6.78 -6.00
C CYS A 73 8.77 -5.60 -6.65
N SER A 74 8.48 -5.36 -7.92
CA SER A 74 9.16 -4.30 -8.66
C SER A 74 8.29 -3.05 -8.85
N GLY A 75 7.00 -3.16 -8.54
CA GLY A 75 6.08 -2.06 -8.73
C GLY A 75 5.54 -1.95 -10.13
N THR A 76 5.72 -2.97 -10.95
CA THR A 76 5.14 -2.99 -12.29
C THR A 76 3.61 -2.98 -12.20
N LEU A 77 3.07 -3.79 -11.31
CA LEU A 77 1.63 -3.86 -11.10
C LEU A 77 1.30 -3.47 -9.66
N SER A 78 0.04 -3.14 -9.40
CA SER A 78 -0.38 -2.70 -8.08
C SER A 78 -1.13 -3.79 -7.33
N VAL A 79 -1.42 -3.53 -6.07
CA VAL A 79 -2.07 -4.52 -5.23
C VAL A 79 -3.48 -4.82 -5.73
N ASN A 80 -4.16 -3.82 -6.30
CA ASN A 80 -5.52 -4.02 -6.80
C ASN A 80 -5.63 -4.99 -7.98
N VAL A 81 -4.55 -5.14 -8.76
CA VAL A 81 -4.54 -6.14 -9.83
C VAL A 81 -4.38 -7.54 -9.23
N CYS A 82 -3.66 -7.62 -8.12
CA CYS A 82 -3.27 -8.89 -7.52
C CYS A 82 -4.21 -9.43 -6.45
N THR A 83 -5.33 -8.79 -6.21
CA THR A 83 -6.21 -9.25 -5.13
C THR A 83 -7.69 -9.21 -5.50
N GLU A 84 -8.49 -9.96 -4.75
CA GLU A 84 -9.95 -9.86 -4.73
C GLU A 84 -10.44 -9.93 -3.28
N SER A 85 -11.22 -8.94 -2.85
CA SER A 85 -11.88 -8.99 -1.54
C SER A 85 -12.99 -10.05 -1.52
N ILE A 86 -12.89 -10.97 -0.56
CA ILE A 86 -13.88 -12.04 -0.44
C ILE A 86 -15.33 -11.55 -0.37
N ARG A 87 -15.56 -10.51 0.44
CA ARG A 87 -16.93 -10.03 0.68
C ARG A 87 -17.61 -9.47 -0.57
N ASN A 88 -16.84 -9.19 -1.62
CA ASN A 88 -17.42 -8.70 -2.86
C ASN A 88 -18.08 -9.79 -3.66
N PHE A 89 -17.85 -11.03 -3.28
CA PHE A 89 -18.36 -12.17 -4.04
C PHE A 89 -19.32 -13.03 -3.21
N LEU A 90 -19.82 -12.47 -2.11
CA LEU A 90 -20.68 -13.23 -1.22
C LEU A 90 -22.16 -13.15 -1.60
N ARG A 91 -22.49 -12.26 -2.53
CA ARG A 91 -23.88 -12.09 -2.95
C ARG A 91 -24.00 -12.45 -4.41
N LYS A 92 -24.62 -13.59 -4.72
CA LYS A 92 -24.77 -14.01 -6.09
C LYS A 92 -26.06 -13.43 -6.70
N LYS A 93 -26.08 -13.36 -8.03
CA LYS A 93 -27.12 -12.66 -8.78
C LYS A 93 -28.54 -13.16 -8.49
N ASN A 94 -28.66 -14.42 -8.14
CA ASN A 94 -29.96 -15.03 -7.82
C ASN A 94 -30.55 -14.57 -6.48
N GLY A 95 -29.80 -13.74 -5.75
CA GLY A 95 -30.27 -13.18 -4.49
C GLY A 95 -29.84 -13.88 -3.21
N TYR A 96 -29.12 -14.99 -3.34
CA TYR A 96 -28.69 -15.74 -2.16
C TYR A 96 -27.24 -15.42 -1.80
N CYS A 97 -26.87 -15.67 -0.55
CA CYS A 97 -25.64 -15.14 0.01
C CYS A 97 -24.76 -16.17 0.73
N GLY A 98 -23.47 -15.89 0.77
CA GLY A 98 -22.54 -16.68 1.56
C GLY A 98 -22.03 -15.86 2.72
N ASN A 99 -21.25 -16.48 3.58
CA ASN A 99 -20.65 -15.79 4.71
C ASN A 99 -19.14 -15.92 4.69
N TYR A 100 -18.49 -14.94 5.30
CA TYR A 100 -17.05 -15.00 5.52
C TYR A 100 -16.74 -14.69 6.97
N LEU A 101 -15.80 -15.41 7.56
CA LEU A 101 -15.32 -15.09 8.90
C LEU A 101 -13.81 -14.97 8.89
N GLN A 102 -13.28 -13.92 9.51
CA GLN A 102 -11.84 -13.74 9.52
C GLN A 102 -11.24 -14.50 10.70
N LEU A 103 -11.02 -15.79 10.48
CA LEU A 103 -10.52 -16.68 11.52
C LEU A 103 -9.44 -17.60 10.96
N GLU A 104 -8.56 -18.06 11.85
CA GLU A 104 -7.62 -19.13 11.58
C GLU A 104 -8.10 -20.44 12.21
N CYS A 105 -8.34 -21.46 11.40
CA CYS A 105 -8.70 -22.77 11.94
C CYS A 105 -7.51 -23.45 12.62
N THR A 106 -7.72 -24.03 13.80
CA THR A 106 -6.60 -24.60 14.57
C THR A 106 -6.74 -26.11 14.79
N ASP A 107 -7.96 -26.62 14.77
CA ASP A 107 -8.23 -28.03 14.99
C ASP A 107 -9.46 -28.44 14.22
N VAL A 108 -9.43 -29.65 13.67
CA VAL A 108 -10.64 -30.24 13.13
C VAL A 108 -11.06 -31.43 14.01
N PHE A 109 -12.35 -31.53 14.32
CA PHE A 109 -12.89 -32.66 15.08
C PHE A 109 -13.88 -33.41 14.23
N TYR A 110 -13.39 -34.35 13.44
CA TYR A 110 -14.22 -34.93 12.42
C TYR A 110 -15.30 -35.84 12.99
N GLU A 111 -15.09 -36.37 14.19
CA GLU A 111 -16.10 -37.24 14.80
C GLU A 111 -17.36 -36.44 15.15
N ASP A 112 -17.15 -35.27 15.74
CA ASP A 112 -18.26 -34.42 16.17
C ASP A 112 -18.63 -33.33 15.16
N LYS A 113 -17.93 -33.30 14.03
CA LYS A 113 -18.23 -32.39 12.93
C LYS A 113 -18.18 -30.92 13.32
N TYR A 114 -17.11 -30.51 13.99
CA TYR A 114 -16.89 -29.09 14.18
C TYR A 114 -15.40 -28.79 14.12
N ILE A 115 -15.10 -27.50 14.02
CA ILE A 115 -13.72 -27.05 14.01
C ILE A 115 -13.52 -26.03 15.14
N ASN A 116 -12.29 -25.92 15.64
CA ASN A 116 -11.93 -24.81 16.48
C ASN A 116 -11.14 -23.77 15.70
N CYS A 117 -11.48 -22.50 15.90
CA CYS A 117 -10.77 -21.41 15.26
C CYS A 117 -10.33 -20.40 16.30
N ILE A 118 -9.37 -19.55 15.95
CA ILE A 118 -9.01 -18.39 16.78
C ILE A 118 -9.08 -17.13 15.93
N ASP A 119 -9.38 -15.99 16.58
CA ASP A 119 -9.31 -14.71 15.89
C ASP A 119 -7.94 -14.14 16.12
N ILE A 120 -7.69 -12.97 15.57
CA ILE A 120 -6.35 -12.40 15.60
C ILE A 120 -5.95 -12.03 17.04
N GLU A 121 -6.91 -12.04 17.97
CA GLU A 121 -6.59 -11.80 19.36
C GLU A 121 -6.62 -13.08 20.21
N ASN A 122 -6.53 -14.23 19.52
CA ASN A 122 -6.45 -15.55 20.17
C ASN A 122 -7.72 -15.98 20.89
N ASN A 123 -8.84 -15.36 20.57
CA ASN A 123 -10.10 -15.84 21.12
C ASN A 123 -10.58 -17.08 20.37
N LYS A 124 -10.89 -18.14 21.10
CA LYS A 124 -11.37 -19.39 20.48
C LYS A 124 -12.83 -19.28 20.03
N VAL A 125 -13.14 -19.90 18.90
CA VAL A 125 -14.53 -19.97 18.44
C VAL A 125 -14.80 -21.32 17.78
N LYS A 126 -15.96 -21.89 18.10
CA LYS A 126 -16.29 -23.25 17.70
C LYS A 126 -17.39 -23.22 16.66
N LEU A 127 -17.22 -23.97 15.59
CA LEU A 127 -18.15 -23.91 14.46
C LEU A 127 -18.46 -25.31 13.95
N PHE A 128 -19.74 -25.58 13.73
CA PHE A 128 -20.17 -26.88 13.24
C PHE A 128 -20.33 -26.85 11.72
N TYR A 129 -20.24 -28.01 11.09
CA TYR A 129 -20.44 -28.10 9.64
C TYR A 129 -21.10 -29.41 9.25
N ASP A 130 -21.74 -29.43 8.08
CA ASP A 130 -22.14 -30.70 7.46
C ASP A 130 -21.07 -31.20 6.49
N TYR A 131 -20.39 -30.26 5.82
CA TYR A 131 -19.25 -30.57 4.96
C TYR A 131 -18.12 -29.58 5.22
N LEU A 132 -16.88 -30.08 5.17
CA LEU A 132 -15.72 -29.24 5.36
C LEU A 132 -14.78 -29.31 4.15
N ILE A 133 -14.54 -28.16 3.52
CA ILE A 133 -13.64 -28.08 2.37
C ILE A 133 -12.29 -27.53 2.80
N ILE A 134 -11.31 -28.39 2.98
CA ILE A 134 -10.00 -27.92 3.42
C ILE A 134 -9.18 -27.44 2.22
N ALA A 135 -8.89 -26.14 2.19
CA ALA A 135 -8.08 -25.56 1.14
C ALA A 135 -7.10 -24.55 1.74
N VAL A 136 -6.29 -24.99 2.71
CA VAL A 136 -5.43 -24.07 3.46
C VAL A 136 -4.04 -23.86 2.86
N GLY A 137 -3.79 -24.51 1.73
CA GLY A 137 -2.53 -24.32 1.01
C GLY A 137 -1.32 -24.86 1.76
N ALA A 138 -0.19 -24.23 1.54
CA ALA A 138 1.06 -24.65 2.16
C ALA A 138 1.78 -23.42 2.71
N LYS A 139 2.88 -23.63 3.42
CA LYS A 139 3.68 -22.50 3.89
C LYS A 139 5.06 -22.61 3.29
N THR A 140 5.90 -21.60 3.50
CA THR A 140 7.24 -21.62 2.92
C THR A 140 8.08 -22.64 3.68
N ASN A 141 9.00 -23.26 2.96
CA ASN A 141 9.90 -24.23 3.54
C ASN A 141 11.31 -23.66 3.69
N THR A 142 11.82 -23.61 4.93
CA THR A 142 13.17 -23.10 5.16
C THR A 142 14.22 -24.18 5.08
N PHE A 143 13.79 -25.42 4.83
CA PHE A 143 14.67 -26.60 4.85
C PHE A 143 15.50 -26.67 6.14
N ASN A 144 14.98 -26.09 7.21
CA ASN A 144 15.65 -25.97 8.51
C ASN A 144 17.07 -25.44 8.42
N ILE A 145 17.39 -24.83 7.27
CA ILE A 145 18.66 -24.15 7.10
C ILE A 145 18.71 -22.99 8.09
N ASN A 146 19.80 -22.94 8.84
CA ASN A 146 19.98 -21.95 9.89
C ASN A 146 19.94 -20.53 9.34
N GLY A 147 19.07 -19.70 9.92
CA GLY A 147 19.01 -18.29 9.58
C GLY A 147 18.09 -17.82 8.46
N VAL A 148 17.52 -18.73 7.66
CA VAL A 148 16.69 -18.20 6.57
C VAL A 148 15.38 -17.61 7.11
N ASP A 149 14.81 -18.17 8.16
CA ASP A 149 13.58 -17.59 8.70
C ASP A 149 13.87 -16.25 9.36
N LYS A 150 15.09 -16.11 9.87
CA LYS A 150 15.50 -14.87 10.51
C LYS A 150 15.81 -13.79 9.49
N TYR A 151 16.51 -14.13 8.41
CA TYR A 151 17.08 -13.09 7.53
C TYR A 151 16.53 -13.01 6.11
N ALA A 152 15.90 -14.08 5.63
CA ALA A 152 15.44 -14.11 4.24
C ALA A 152 14.03 -13.52 4.08
N TYR A 153 13.75 -13.00 2.89
CA TYR A 153 12.42 -12.52 2.55
C TYR A 153 11.73 -13.58 1.69
N PHE A 154 10.57 -14.04 2.15
CA PHE A 154 9.78 -14.97 1.38
C PHE A 154 8.99 -14.22 0.31
N VAL A 155 8.53 -14.95 -0.70
CA VAL A 155 7.68 -14.39 -1.75
C VAL A 155 6.40 -15.19 -1.87
N LYS A 156 5.59 -15.21 -0.82
CA LYS A 156 4.46 -16.10 -0.83
C LYS A 156 3.13 -15.35 -0.93
N ASP A 157 3.09 -14.12 -0.45
CA ASP A 157 1.85 -13.36 -0.42
C ASP A 157 2.08 -11.86 -0.63
N ILE A 158 0.98 -11.11 -0.71
CA ILE A 158 1.01 -9.68 -0.97
C ILE A 158 1.99 -8.96 -0.03
N ASP A 159 1.89 -9.21 1.28
CA ASP A 159 2.73 -8.48 2.23
C ASP A 159 4.21 -8.79 2.03
N ASP A 160 4.52 -10.04 1.65
CA ASP A 160 5.89 -10.45 1.31
C ASP A 160 6.46 -9.61 0.19
N ALA A 161 5.71 -9.50 -0.90
CA ALA A 161 6.16 -8.77 -2.09
C ALA A 161 6.41 -7.30 -1.75
N LEU A 162 5.52 -6.74 -0.94
CA LEU A 162 5.63 -5.36 -0.51
C LEU A 162 6.85 -5.08 0.39
N LYS A 163 7.14 -6.02 1.29
CA LYS A 163 8.32 -5.89 2.14
C LYS A 163 9.63 -6.00 1.35
N ILE A 164 9.63 -6.86 0.35
CA ILE A 164 10.77 -7.02 -0.53
C ILE A 164 11.06 -5.73 -1.29
N ARG A 165 10.00 -5.15 -1.87
CA ARG A 165 10.12 -3.89 -2.61
C ARG A 165 10.66 -2.77 -1.72
N LYS A 166 10.02 -2.61 -0.56
CA LYS A 166 10.44 -1.61 0.44
C LYS A 166 11.92 -1.79 0.85
N LYS A 167 12.34 -3.03 1.09
CA LYS A 167 13.71 -3.31 1.53
C LYS A 167 14.68 -2.89 0.44
N PHE A 168 14.39 -3.26 -0.79
CA PHE A 168 15.25 -2.89 -1.90
C PHE A 168 15.35 -1.35 -2.04
N LEU A 169 14.24 -0.66 -1.88
CA LEU A 169 14.24 0.79 -2.00
C LEU A 169 15.03 1.39 -0.86
N ASP A 170 14.90 0.81 0.34
CA ASP A 170 15.64 1.28 1.50
C ASP A 170 17.15 1.14 1.30
N ILE A 171 17.59 0.07 0.65
CA ILE A 171 19.02 -0.16 0.47
C ILE A 171 19.59 0.87 -0.50
N LEU A 172 18.86 1.18 -1.55
CA LEU A 172 19.28 2.22 -2.51
C LEU A 172 19.52 3.59 -1.85
N GLU A 173 18.57 4.01 -1.00
CA GLU A 173 18.70 5.28 -0.31
C GLU A 173 19.89 5.25 0.66
N LYS A 174 20.02 4.15 1.40
CA LYS A 174 21.12 3.99 2.33
C LYS A 174 22.47 4.12 1.63
N CYS A 175 22.59 3.50 0.46
CA CYS A 175 23.85 3.52 -0.30
C CYS A 175 24.09 4.81 -1.06
N THR A 176 23.16 5.75 -0.98
CA THR A 176 23.34 7.06 -1.58
C THR A 176 23.95 8.02 -0.52
N LEU A 177 23.95 7.61 0.75
CA LEU A 177 24.52 8.43 1.82
C LEU A 177 26.04 8.51 1.73
N PRO A 178 26.62 9.64 2.18
CA PRO A 178 28.07 9.83 2.05
C PRO A 178 28.88 9.02 3.07
N ASN A 179 28.21 8.46 4.07
CA ASN A 179 28.90 7.72 5.11
C ASN A 179 29.11 6.21 4.79
N ILE A 180 29.24 5.87 3.50
CA ILE A 180 29.37 4.47 3.08
C ILE A 180 30.47 4.24 2.04
N SER A 181 31.36 3.30 2.29
CA SER A 181 32.43 2.98 1.33
C SER A 181 31.90 2.24 0.11
N ASN A 182 32.66 2.27 -0.98
CA ASN A 182 32.26 1.58 -2.20
C ASN A 182 32.18 0.06 -2.01
N GLU A 183 33.04 -0.46 -1.14
CA GLU A 183 33.05 -1.88 -0.82
C GLU A 183 31.80 -2.28 -0.06
N GLU A 184 31.37 -1.44 0.89
CA GLU A 184 30.15 -1.72 1.62
C GLU A 184 28.96 -1.69 0.68
N LYS A 185 29.02 -0.78 -0.29
CA LYS A 185 27.94 -0.61 -1.26
C LYS A 185 27.76 -1.85 -2.12
N LYS A 186 28.86 -2.35 -2.70
CA LYS A 186 28.82 -3.58 -3.48
C LYS A 186 28.23 -4.75 -2.68
N LYS A 187 28.53 -4.78 -1.38
CA LYS A 187 28.01 -5.84 -0.52
C LYS A 187 26.50 -5.68 -0.28
N MET A 188 26.08 -4.44 -0.03
CA MET A 188 24.68 -4.18 0.33
C MET A 188 23.75 -4.20 -0.89
N LEU A 189 24.30 -3.93 -2.06
CA LEU A 189 23.49 -3.86 -3.26
C LEU A 189 23.52 -5.17 -4.04
N HIS A 190 23.86 -6.26 -3.36
CA HIS A 190 23.80 -7.58 -3.97
C HIS A 190 22.47 -8.24 -3.59
N VAL A 191 21.63 -8.47 -4.58
CA VAL A 191 20.35 -9.15 -4.36
C VAL A 191 20.52 -10.62 -4.73
N ALA A 192 20.26 -11.49 -3.77
CA ALA A 192 20.29 -12.92 -4.02
C ALA A 192 18.88 -13.49 -4.01
N VAL A 193 18.55 -14.24 -5.04
CA VAL A 193 17.27 -14.93 -5.11
C VAL A 193 17.52 -16.44 -5.11
N VAL A 194 16.90 -17.16 -4.17
CA VAL A 194 17.11 -18.59 -4.03
C VAL A 194 15.94 -19.36 -4.64
N GLY A 195 16.20 -20.07 -5.73
CA GLY A 195 15.18 -20.86 -6.38
C GLY A 195 15.13 -20.59 -7.86
N GLY A 196 15.36 -21.60 -8.68
CA GLY A 196 15.36 -21.44 -10.11
C GLY A 196 14.06 -21.80 -10.80
N GLY A 197 12.98 -21.99 -10.04
CA GLY A 197 11.67 -22.19 -10.61
C GLY A 197 11.09 -20.85 -11.08
N PRO A 198 9.86 -20.86 -11.61
CA PRO A 198 9.24 -19.67 -12.24
C PRO A 198 9.22 -18.46 -11.32
N THR A 199 8.95 -18.64 -10.04
CA THR A 199 8.92 -17.53 -9.10
C THR A 199 10.29 -16.87 -8.89
N GLY A 200 11.31 -17.67 -8.59
CA GLY A 200 12.66 -17.13 -8.45
C GLY A 200 13.10 -16.43 -9.73
N VAL A 201 12.80 -17.04 -10.85
CA VAL A 201 13.20 -16.49 -12.14
C VAL A 201 12.47 -15.17 -12.42
N GLU A 202 11.18 -15.11 -12.12
CA GLU A 202 10.39 -13.92 -12.44
C GLU A 202 10.72 -12.74 -11.53
N VAL A 203 10.93 -13.03 -10.25
CA VAL A 203 11.37 -12.03 -9.30
C VAL A 203 12.73 -11.46 -9.70
N THR A 204 13.64 -12.35 -10.12
CA THR A 204 14.95 -11.93 -10.59
C THR A 204 14.81 -11.05 -11.84
N ALA A 205 13.97 -11.49 -12.76
CA ALA A 205 13.75 -10.76 -14.01
C ALA A 205 13.12 -9.37 -13.76
N GLU A 206 12.16 -9.29 -12.83
CA GLU A 206 11.51 -8.03 -12.52
C GLU A 206 12.50 -7.05 -11.86
N PHE A 207 13.29 -7.55 -10.91
CA PHE A 207 14.36 -6.73 -10.35
C PHE A 207 15.35 -6.26 -11.41
N ALA A 208 15.70 -7.11 -12.36
CA ALA A 208 16.64 -6.71 -13.41
C ALA A 208 16.05 -5.57 -14.26
N ASP A 209 14.77 -5.69 -14.61
CA ASP A 209 14.09 -4.64 -15.38
C ASP A 209 14.06 -3.31 -14.62
N PHE A 210 13.71 -3.38 -13.34
CA PHE A 210 13.63 -2.22 -12.48
C PHE A 210 15.01 -1.58 -12.36
N ILE A 211 16.01 -2.41 -12.08
CA ILE A 211 17.38 -1.93 -11.94
C ILE A 211 17.91 -1.26 -13.21
N ASN A 212 17.62 -1.88 -14.36
CA ASN A 212 18.09 -1.37 -15.64
C ASN A 212 17.35 -0.18 -16.18
N LYS A 213 16.17 0.11 -15.65
CA LYS A 213 15.43 1.24 -16.16
C LYS A 213 15.31 2.36 -15.10
N GLU A 214 14.36 2.24 -14.18
CA GLU A 214 14.10 3.33 -13.22
C GLU A 214 15.28 3.55 -12.28
N VAL A 215 15.91 2.48 -11.82
CA VAL A 215 17.01 2.62 -10.88
C VAL A 215 18.24 3.24 -11.55
N LYS A 216 18.55 2.79 -12.76
CA LYS A 216 19.68 3.33 -13.51
C LYS A 216 19.53 4.84 -13.74
N ILE A 217 18.31 5.29 -13.99
CA ILE A 217 18.02 6.70 -14.19
C ILE A 217 18.10 7.50 -12.88
N ASN A 218 17.54 6.96 -11.81
CA ASN A 218 17.42 7.74 -10.57
C ASN A 218 18.58 7.56 -9.60
N TYR A 219 19.45 6.58 -9.86
CA TYR A 219 20.56 6.32 -8.98
C TYR A 219 21.83 6.03 -9.78
N LYS A 220 22.11 6.87 -10.78
CA LYS A 220 23.28 6.70 -11.67
C LYS A 220 24.60 6.39 -10.95
N ASP A 221 24.85 7.07 -9.83
CA ASP A 221 26.13 6.94 -9.15
C ASP A 221 26.31 5.62 -8.40
N ILE A 222 25.25 4.83 -8.21
CA ILE A 222 25.44 3.50 -7.59
C ILE A 222 24.97 2.37 -8.49
N PHE A 223 24.55 2.69 -9.71
CA PHE A 223 24.04 1.68 -10.61
C PHE A 223 25.03 0.54 -10.78
N ASN A 224 26.30 0.88 -10.93
CA ASN A 224 27.35 -0.09 -11.21
C ASN A 224 27.70 -0.97 -10.02
N PHE A 225 27.25 -0.60 -8.83
CA PHE A 225 27.55 -1.40 -7.64
C PHE A 225 26.50 -2.49 -7.39
N ILE A 226 25.40 -2.42 -8.13
CA ILE A 226 24.29 -3.36 -7.92
C ILE A 226 24.54 -4.67 -8.68
N SER A 227 24.24 -5.80 -8.03
CA SER A 227 24.25 -7.08 -8.72
C SER A 227 23.11 -7.97 -8.27
N ILE A 228 22.75 -8.94 -9.09
CA ILE A 228 21.74 -9.93 -8.74
C ILE A 228 22.25 -11.33 -9.01
N SER A 229 22.05 -12.23 -8.07
CA SER A 229 22.36 -13.64 -8.30
C SER A 229 21.10 -14.46 -8.11
N ILE A 230 20.92 -15.49 -8.93
CA ILE A 230 19.88 -16.48 -8.69
C ILE A 230 20.55 -17.84 -8.41
N ILE A 231 20.16 -18.46 -7.30
CA ILE A 231 20.79 -19.70 -6.85
C ILE A 231 19.83 -20.84 -7.10
N GLU A 232 20.29 -21.89 -7.78
CA GLU A 232 19.43 -23.05 -8.05
C GLU A 232 20.21 -24.37 -7.95
N GLY A 233 19.68 -25.32 -7.16
CA GLY A 233 20.26 -26.64 -7.02
C GLY A 233 20.56 -27.41 -8.30
N GLY A 234 19.60 -27.48 -9.22
CA GLY A 234 19.80 -28.21 -10.46
C GLY A 234 20.56 -27.41 -11.49
N ASN A 235 20.78 -28.00 -12.66
CA ASN A 235 21.52 -27.32 -13.74
C ASN A 235 20.69 -26.29 -14.50
N ASN A 236 19.37 -26.41 -14.42
CA ASN A 236 18.47 -25.60 -15.25
C ASN A 236 17.62 -24.59 -14.46
N LEU A 237 17.57 -23.37 -14.97
CA LEU A 237 16.52 -22.45 -14.56
C LEU A 237 15.25 -22.92 -15.25
N LEU A 238 14.10 -22.75 -14.61
CA LEU A 238 12.84 -23.30 -15.13
C LEU A 238 12.96 -24.78 -15.49
N PRO A 239 13.32 -25.63 -14.51
CA PRO A 239 13.58 -27.04 -14.81
C PRO A 239 12.34 -27.81 -15.33
N THR A 240 11.13 -27.35 -15.02
CA THR A 240 9.93 -28.07 -15.46
C THR A 240 9.46 -27.68 -16.86
N PHE A 241 10.08 -26.65 -17.44
CA PHE A 241 9.82 -26.20 -18.81
C PHE A 241 10.72 -27.04 -19.74
N THR A 242 10.66 -26.81 -21.04
CA THR A 242 11.55 -27.51 -21.96
C THR A 242 13.02 -27.05 -21.83
N GLN A 243 13.92 -27.87 -22.36
CA GLN A 243 15.35 -27.58 -22.29
C GLN A 243 15.70 -26.35 -23.11
N ASN A 244 15.03 -26.16 -24.24
CA ASN A 244 15.26 -24.95 -25.04
C ASN A 244 14.88 -23.71 -24.23
N ILE A 245 13.81 -23.81 -23.45
CA ILE A 245 13.36 -22.64 -22.70
C ILE A 245 14.35 -22.36 -21.55
N SER A 246 14.79 -23.42 -20.88
CA SER A 246 15.79 -23.33 -19.83
C SER A 246 17.10 -22.71 -20.33
N ASP A 247 17.55 -23.11 -21.53
CA ASP A 247 18.80 -22.55 -22.07
C ASP A 247 18.60 -21.09 -22.43
N PHE A 248 17.49 -20.80 -23.10
CA PHE A 248 17.17 -19.43 -23.46
C PHE A 248 17.06 -18.52 -22.21
N THR A 249 16.50 -19.05 -21.13
CA THR A 249 16.37 -18.27 -19.90
C THR A 249 17.75 -17.93 -19.30
N LYS A 250 18.64 -18.92 -19.26
CA LYS A 250 20.00 -18.71 -18.78
C LYS A 250 20.77 -17.73 -19.68
N GLU A 251 20.63 -17.87 -21.00
CA GLU A 251 21.26 -16.92 -21.92
C GLU A 251 20.77 -15.50 -21.69
N ASN A 252 19.47 -15.36 -21.49
CA ASN A 252 18.90 -14.04 -21.36
C ASN A 252 19.40 -13.42 -20.05
N PHE A 253 19.56 -14.26 -19.03
CA PHE A 253 20.03 -13.83 -17.72
C PHE A 253 21.50 -13.40 -17.81
N HIS A 254 22.34 -14.22 -18.48
CA HIS A 254 23.72 -13.80 -18.78
C HIS A 254 23.76 -12.46 -19.50
N ASN A 255 22.98 -12.34 -20.58
CA ASN A 255 22.93 -11.11 -21.36
C ASN A 255 22.52 -9.91 -20.51
N LEU A 256 21.80 -10.17 -19.42
CA LEU A 256 21.39 -9.10 -18.51
C LEU A 256 22.40 -8.93 -17.38
N ASN A 257 23.46 -9.74 -17.39
CA ASN A 257 24.50 -9.71 -16.36
C ASN A 257 24.02 -10.13 -14.98
N ILE A 258 22.98 -10.95 -14.97
CA ILE A 258 22.57 -11.65 -13.75
C ILE A 258 23.53 -12.80 -13.47
N ASN A 259 23.94 -12.95 -12.22
CA ASN A 259 24.75 -14.08 -11.85
C ASN A 259 23.93 -15.35 -11.72
N VAL A 260 24.06 -16.24 -12.69
CA VAL A 260 23.33 -17.49 -12.63
C VAL A 260 24.12 -18.58 -11.91
N LEU A 261 23.74 -18.82 -10.65
CA LEU A 261 24.39 -19.81 -9.83
C LEU A 261 23.57 -21.11 -9.80
N THR A 262 23.35 -21.67 -10.98
CA THR A 262 22.82 -23.02 -11.09
C THR A 262 23.85 -24.02 -10.56
N ASN A 263 23.37 -25.22 -10.22
CA ASN A 263 24.20 -26.23 -9.55
C ASN A 263 24.80 -25.72 -8.25
N TYR A 264 24.04 -24.90 -7.53
CA TYR A 264 24.39 -24.50 -6.17
C TYR A 264 23.16 -24.51 -5.29
N TYR A 265 23.34 -24.80 -4.01
CA TYR A 265 22.24 -24.60 -3.09
C TYR A 265 22.73 -24.03 -1.76
N VAL A 266 21.81 -23.37 -1.06
CA VAL A 266 22.14 -22.63 0.15
C VAL A 266 22.22 -23.59 1.32
N ILE A 267 23.22 -23.43 2.17
CA ILE A 267 23.38 -24.34 3.30
C ILE A 267 23.40 -23.59 4.64
N ASP A 268 23.55 -22.27 4.57
CA ASP A 268 23.55 -21.47 5.80
C ASP A 268 23.34 -19.98 5.52
N VAL A 269 22.61 -19.30 6.40
CA VAL A 269 22.36 -17.88 6.23
C VAL A 269 22.67 -17.08 7.49
N ASP A 270 23.55 -16.08 7.35
CA ASP A 270 23.90 -15.15 8.41
C ASP A 270 23.39 -13.75 8.06
N LYS A 271 23.61 -12.79 8.95
CA LYS A 271 23.04 -11.46 8.78
C LYS A 271 23.51 -10.73 7.52
N HIS A 272 24.79 -10.85 7.19
CA HIS A 272 25.35 -10.11 6.05
C HIS A 272 26.00 -10.98 4.98
N SER A 273 25.97 -12.29 5.17
CA SER A 273 26.47 -13.20 4.14
C SER A 273 25.77 -14.55 4.24
N PHE A 274 25.82 -15.33 3.17
CA PHE A 274 25.32 -16.70 3.22
C PHE A 274 26.31 -17.63 2.54
N HIS A 275 26.17 -18.92 2.80
CA HIS A 275 27.05 -19.92 2.21
C HIS A 275 26.27 -20.80 1.25
N ILE A 276 26.86 -21.06 0.09
CA ILE A 276 26.30 -22.02 -0.83
C ILE A 276 27.25 -23.20 -1.08
N GLN A 277 26.66 -24.28 -1.54
CA GLN A 277 27.34 -25.56 -1.69
C GLN A 277 27.17 -26.06 -3.11
N SER A 278 28.27 -26.36 -3.79
CA SER A 278 28.16 -26.86 -5.16
C SER A 278 27.44 -28.22 -5.19
N SER A 279 26.57 -28.38 -6.20
CA SER A 279 25.84 -29.63 -6.41
C SER A 279 26.72 -30.64 -7.11
N LEU A 280 27.79 -30.15 -7.71
CA LEU A 280 28.66 -30.97 -8.55
C LEU A 280 29.88 -31.49 -7.79
N ASN A 281 30.27 -30.78 -6.74
CA ASN A 281 31.43 -31.14 -5.92
C ASN A 281 31.16 -30.82 -4.45
N LYS A 282 30.91 -31.86 -3.67
CA LYS A 282 30.60 -31.76 -2.24
C LYS A 282 31.56 -30.84 -1.46
N ASN A 283 32.80 -30.73 -1.92
CA ASN A 283 33.83 -29.98 -1.18
C ASN A 283 33.89 -28.49 -1.50
N GLU A 284 33.22 -28.07 -2.57
CA GLU A 284 33.28 -26.67 -2.98
C GLU A 284 32.15 -25.85 -2.36
N LYS A 285 32.52 -24.87 -1.57
CA LYS A 285 31.56 -23.96 -0.95
C LYS A 285 31.96 -22.53 -1.26
N LYS A 286 30.98 -21.63 -1.29
CA LYS A 286 31.25 -20.20 -1.46
C LYS A 286 30.51 -19.40 -0.39
N LYS A 287 31.17 -18.35 0.09
CA LYS A 287 30.56 -17.41 1.01
C LYS A 287 30.29 -16.13 0.23
N LEU A 288 29.04 -15.68 0.24
CA LEU A 288 28.64 -14.51 -0.55
C LEU A 288 28.08 -13.42 0.34
N SER A 289 28.51 -12.19 0.11
CA SER A 289 27.88 -11.05 0.78
C SER A 289 26.57 -10.71 0.09
N TYR A 290 25.65 -10.12 0.83
CA TYR A 290 24.35 -9.73 0.27
C TYR A 290 23.68 -8.64 1.06
N GLY A 291 22.84 -7.86 0.38
CA GLY A 291 21.97 -6.90 1.05
C GLY A 291 20.53 -7.37 1.20
N LEU A 292 20.01 -8.07 0.21
CA LEU A 292 18.63 -8.56 0.21
C LEU A 292 18.61 -10.02 -0.27
N LEU A 293 18.10 -10.91 0.57
CA LEU A 293 18.05 -12.33 0.24
C LEU A 293 16.60 -12.78 0.07
N ILE A 294 16.25 -13.23 -1.13
CA ILE A 294 14.88 -13.60 -1.42
C ILE A 294 14.72 -15.13 -1.53
N TRP A 295 13.84 -15.69 -0.70
CA TRP A 295 13.67 -17.13 -0.62
C TRP A 295 12.44 -17.56 -1.41
N ALA A 296 12.65 -18.10 -2.61
CA ALA A 296 11.56 -18.39 -3.53
C ALA A 296 11.45 -19.89 -3.83
N SER A 297 11.66 -20.72 -2.83
CA SER A 297 11.60 -22.14 -3.08
C SER A 297 11.09 -22.88 -1.88
N GLY A 298 10.30 -23.91 -2.14
CA GLY A 298 9.92 -24.85 -1.11
C GLY A 298 8.55 -24.65 -0.51
N LEU A 299 7.81 -25.77 -0.40
CA LEU A 299 6.54 -25.81 0.29
C LEU A 299 6.67 -26.71 1.52
N ALA A 300 6.06 -26.29 2.62
CA ALA A 300 5.90 -27.16 3.78
C ALA A 300 4.42 -27.17 4.17
N GLN A 301 4.05 -28.10 5.04
CA GLN A 301 2.67 -28.23 5.51
C GLN A 301 2.30 -27.21 6.57
N THR A 302 1.04 -26.78 6.58
CA THR A 302 0.59 -25.89 7.65
C THR A 302 0.51 -26.66 8.97
N THR A 303 0.56 -25.94 10.08
CA THR A 303 0.44 -26.57 11.38
C THR A 303 -0.93 -27.23 11.55
N LEU A 304 -1.96 -26.60 11.00
CA LEU A 304 -3.30 -27.19 11.01
C LEU A 304 -3.28 -28.61 10.42
N ILE A 305 -2.68 -28.75 9.25
CA ILE A 305 -2.69 -30.04 8.57
C ILE A 305 -1.84 -31.08 9.34
N GLN A 306 -0.72 -30.64 9.91
CA GLN A 306 0.09 -31.53 10.74
C GLN A 306 -0.67 -32.05 11.94
N LYS A 307 -1.44 -31.16 12.59
CA LYS A 307 -2.26 -31.55 13.73
C LYS A 307 -3.41 -32.45 13.30
N PHE A 308 -4.06 -32.09 12.21
CA PHE A 308 -5.17 -32.88 11.69
C PHE A 308 -4.71 -34.31 11.40
N LEU A 309 -3.52 -34.45 10.80
CA LEU A 309 -3.00 -35.75 10.41
C LEU A 309 -2.86 -36.72 11.59
N LYS A 310 -2.23 -36.26 12.67
CA LYS A 310 -1.99 -37.05 13.87
C LYS A 310 -3.29 -37.59 14.49
N THR A 311 -4.40 -37.03 14.04
CA THR A 311 -5.73 -37.28 14.57
C THR A 311 -6.44 -38.38 13.76
N ILE A 312 -5.89 -38.70 12.60
CA ILE A 312 -6.46 -39.72 11.73
C ILE A 312 -5.58 -40.97 11.77
N PRO A 313 -6.11 -42.08 12.35
CA PRO A 313 -5.34 -43.32 12.55
C PRO A 313 -4.61 -43.74 11.28
N VAL A 314 -5.37 -44.01 10.24
CA VAL A 314 -4.83 -44.36 8.93
C VAL A 314 -3.81 -43.35 8.38
N GLN A 315 -3.91 -42.08 8.74
CA GLN A 315 -2.96 -41.10 8.20
C GLN A 315 -1.96 -40.55 9.22
N ALA A 316 -1.92 -41.15 10.41
CA ALA A 316 -1.23 -40.51 11.55
C ALA A 316 0.24 -40.23 11.31
N ASN A 317 0.89 -41.02 10.46
CA ASN A 317 2.32 -40.84 10.25
C ASN A 317 2.62 -40.27 8.87
N ASN A 318 1.58 -39.77 8.20
CA ASN A 318 1.76 -39.15 6.89
C ASN A 318 2.40 -37.77 6.98
N ALA A 319 3.14 -37.41 5.95
CA ALA A 319 3.68 -36.07 5.84
C ALA A 319 2.76 -35.20 4.99
N ILE A 320 1.78 -35.81 4.34
CA ILE A 320 0.80 -35.00 3.61
C ILE A 320 -0.58 -35.61 3.72
N LEU A 321 -1.59 -34.76 3.61
CA LEU A 321 -2.99 -35.17 3.72
C LEU A 321 -3.41 -35.88 2.44
N LYS A 322 -3.90 -37.11 2.56
CA LYS A 322 -4.32 -37.91 1.40
C LYS A 322 -5.83 -37.87 1.19
N VAL A 323 -6.25 -37.67 -0.05
CA VAL A 323 -7.66 -37.73 -0.40
C VAL A 323 -7.83 -38.80 -1.46
N ASP A 324 -9.05 -39.29 -1.66
CA ASP A 324 -9.27 -40.27 -2.70
C ASP A 324 -9.55 -39.61 -4.03
N GLU A 325 -9.95 -40.40 -5.03
CA GLU A 325 -10.11 -39.88 -6.39
C GLU A 325 -11.27 -38.90 -6.51
N LYS A 326 -12.07 -38.78 -5.45
CA LYS A 326 -13.14 -37.81 -5.46
C LYS A 326 -12.86 -36.65 -4.53
N LEU A 327 -11.62 -36.61 -4.02
CA LEU A 327 -11.06 -35.54 -3.19
C LEU A 327 -11.62 -35.57 -1.77
N ARG A 328 -12.12 -36.74 -1.36
CA ARG A 328 -12.48 -36.96 0.05
C ARG A 328 -11.27 -37.39 0.88
N VAL A 329 -11.09 -36.73 2.02
CA VAL A 329 -10.06 -37.13 2.96
C VAL A 329 -10.29 -38.58 3.38
N ILE A 330 -9.21 -39.36 3.32
CA ILE A 330 -9.25 -40.79 3.62
C ILE A 330 -9.18 -41.04 5.12
N GLY A 331 -10.02 -41.94 5.62
CA GLY A 331 -10.01 -42.28 7.03
C GLY A 331 -11.07 -41.55 7.84
N ILE A 332 -11.99 -40.88 7.16
CA ILE A 332 -13.07 -40.16 7.82
C ILE A 332 -14.37 -40.92 7.57
N PRO A 333 -14.91 -41.56 8.63
CA PRO A 333 -16.09 -42.42 8.50
C PRO A 333 -17.25 -41.75 7.78
N SER A 334 -17.46 -40.45 8.02
CA SER A 334 -18.59 -39.74 7.43
C SER A 334 -18.40 -39.33 5.96
N ASN A 335 -17.18 -39.40 5.45
CA ASN A 335 -16.86 -38.96 4.08
C ASN A 335 -17.43 -37.58 3.77
N ASN A 336 -17.25 -36.65 4.70
CA ASN A 336 -17.81 -35.32 4.57
C ASN A 336 -16.74 -34.24 4.72
N ILE A 337 -15.48 -34.65 4.82
CA ILE A 337 -14.37 -33.71 4.71
C ILE A 337 -13.65 -33.89 3.35
N TYR A 338 -13.58 -32.81 2.58
CA TYR A 338 -12.83 -32.78 1.34
C TYR A 338 -11.59 -31.89 1.52
N ALA A 339 -10.63 -32.04 0.61
CA ALA A 339 -9.45 -31.15 0.58
C ALA A 339 -9.00 -30.95 -0.86
N ILE A 340 -8.61 -29.72 -1.20
CA ILE A 340 -8.20 -29.37 -2.57
C ILE A 340 -6.94 -28.50 -2.53
N GLY A 341 -6.23 -28.39 -3.65
CA GLY A 341 -5.10 -27.48 -3.71
C GLY A 341 -3.83 -28.04 -3.11
N ASP A 342 -2.95 -27.14 -2.70
CA ASP A 342 -1.60 -27.49 -2.27
C ASP A 342 -1.53 -28.35 -1.00
N CYS A 343 -2.58 -28.36 -0.18
CA CYS A 343 -2.50 -29.07 1.10
C CYS A 343 -2.71 -30.59 0.98
N LYS A 344 -3.00 -31.08 -0.21
CA LYS A 344 -3.34 -32.50 -0.34
C LYS A 344 -2.62 -33.23 -1.47
N LYS A 345 -2.65 -34.56 -1.41
CA LYS A 345 -2.29 -35.42 -2.54
C LYS A 345 -3.39 -36.44 -2.74
N ILE A 346 -3.65 -36.77 -4.00
CA ILE A 346 -4.66 -37.76 -4.33
C ILE A 346 -4.08 -39.18 -4.30
N GLN A 347 -4.79 -40.07 -3.61
CA GLN A 347 -4.48 -41.48 -3.56
C GLN A 347 -5.70 -42.21 -4.08
N PRO A 348 -5.73 -42.48 -5.38
CA PRO A 348 -6.90 -43.02 -6.06
C PRO A 348 -7.18 -44.47 -5.68
N LYS A 349 -8.44 -44.88 -5.83
CA LYS A 349 -8.85 -46.27 -5.70
C LYS A 349 -7.95 -47.14 -6.61
N LEU A 350 -7.50 -48.27 -6.10
CA LEU A 350 -6.47 -49.07 -6.77
C LEU A 350 -7.04 -50.01 -7.83
N LEU A 351 -6.58 -49.83 -9.07
CA LEU A 351 -6.89 -50.70 -10.21
C LEU A 351 -6.73 -52.18 -9.87
N HIS A 352 -5.65 -52.49 -9.17
CA HIS A 352 -5.26 -53.87 -9.03
C HIS A 352 -6.07 -54.55 -7.93
N GLU A 353 -6.73 -53.76 -7.08
CA GLU A 353 -7.67 -54.32 -6.13
C GLU A 353 -9.01 -54.61 -6.79
N HIS A 354 -9.14 -54.30 -8.09
CA HIS A 354 -10.42 -54.49 -8.78
C HIS A 354 -10.25 -55.22 -10.13
N THR A 355 -9.22 -56.05 -10.19
CA THR A 355 -8.82 -56.71 -11.44
C THR A 355 -9.96 -57.48 -12.11
N ASN A 356 -10.58 -58.40 -11.37
CA ASN A 356 -11.66 -59.22 -11.89
C ASN A 356 -12.81 -58.40 -12.47
N GLU A 357 -13.23 -57.38 -11.74
CA GLU A 357 -14.27 -56.48 -12.22
C GLU A 357 -13.80 -55.80 -13.49
N ILE A 358 -12.54 -55.39 -13.51
CA ILE A 358 -12.04 -54.75 -14.72
C ILE A 358 -11.96 -55.76 -15.86
N ILE A 359 -11.52 -56.98 -15.56
CA ILE A 359 -11.46 -58.03 -16.59
C ILE A 359 -12.84 -58.23 -17.22
N LYS A 360 -13.89 -58.22 -16.39
CA LYS A 360 -15.26 -58.44 -16.89
C LYS A 360 -15.76 -57.30 -17.78
N ILE A 361 -15.36 -56.07 -17.45
CA ILE A 361 -15.76 -54.90 -18.24
C ILE A 361 -15.14 -54.92 -19.64
N LEU A 362 -13.93 -55.45 -19.73
CA LEU A 362 -13.21 -55.52 -20.99
C LEU A 362 -13.93 -56.43 -22.00
N THR A 363 -14.12 -55.90 -23.21
CA THR A 363 -14.65 -56.69 -24.30
C THR A 363 -13.52 -57.03 -25.27
N GLY A 364 -12.99 -58.23 -25.16
CA GLY A 364 -11.90 -58.64 -26.02
C GLY A 364 -11.82 -60.16 -26.04
N ASN A 365 -11.17 -60.71 -27.05
CA ASN A 365 -10.85 -62.13 -27.05
C ASN A 365 -9.65 -62.36 -26.13
N LYS A 366 -8.99 -61.25 -25.75
CA LYS A 366 -7.76 -61.32 -24.96
C LYS A 366 -7.54 -60.08 -24.07
N LEU A 367 -6.90 -60.32 -22.93
CA LEU A 367 -6.46 -59.26 -22.03
C LEU A 367 -5.22 -58.53 -22.54
N THR A 368 -5.43 -57.49 -23.35
CA THR A 368 -4.33 -56.68 -23.86
C THR A 368 -4.39 -55.25 -23.33
N SER A 369 -3.28 -54.54 -23.44
CA SER A 369 -3.25 -53.13 -23.04
C SER A 369 -4.21 -52.35 -23.93
N GLU A 370 -4.29 -52.74 -25.19
CA GLU A 370 -5.15 -52.08 -26.15
C GLU A 370 -6.62 -52.31 -25.81
N ALA A 371 -6.92 -53.46 -25.23
CA ALA A 371 -8.28 -53.76 -24.78
C ALA A 371 -8.64 -52.81 -23.64
N LEU A 372 -7.70 -52.60 -22.73
CA LEU A 372 -7.87 -51.63 -21.65
C LEU A 372 -8.07 -50.20 -22.17
N LYS A 373 -7.18 -49.75 -23.05
CA LYS A 373 -7.29 -48.41 -23.61
C LYS A 373 -8.62 -48.19 -24.33
N LEU A 374 -9.17 -49.26 -24.89
CA LEU A 374 -10.41 -49.15 -25.65
C LEU A 374 -11.58 -48.74 -24.76
N LYS A 375 -11.50 -49.07 -23.47
CA LYS A 375 -12.55 -48.70 -22.53
C LYS A 375 -12.10 -47.58 -21.60
N GLN A 376 -11.02 -46.92 -21.96
CA GLN A 376 -10.39 -45.91 -21.11
C GLN A 376 -11.34 -44.77 -20.75
N SER A 377 -12.16 -44.34 -21.70
CA SER A 377 -13.09 -43.25 -21.45
C SER A 377 -14.13 -43.54 -20.37
N GLU A 378 -14.48 -44.81 -20.19
CA GLU A 378 -15.44 -45.20 -19.16
C GLU A 378 -14.75 -45.46 -17.82
N LEU A 379 -13.64 -46.19 -17.84
CA LEU A 379 -12.97 -46.60 -16.60
C LEU A 379 -12.31 -45.40 -15.92
N THR A 380 -12.02 -44.38 -16.71
CA THR A 380 -11.38 -43.17 -16.21
C THR A 380 -12.35 -42.37 -15.32
N LYS A 381 -13.64 -42.64 -15.44
CA LYS A 381 -14.62 -42.02 -14.57
C LYS A 381 -14.41 -42.51 -13.15
N THR A 382 -13.91 -43.72 -12.96
CA THR A 382 -13.62 -44.12 -11.59
C THR A 382 -12.11 -44.21 -11.29
N PHE A 383 -11.29 -44.50 -12.29
CA PHE A 383 -9.84 -44.58 -12.06
C PHE A 383 -9.08 -43.50 -12.85
N PRO A 384 -8.67 -42.42 -12.17
CA PRO A 384 -8.03 -41.35 -12.94
C PRO A 384 -6.67 -41.79 -13.49
N GLN A 385 -6.04 -42.76 -12.85
CA GLN A 385 -4.70 -43.18 -13.23
C GLN A 385 -4.70 -43.85 -14.60
N LEU A 386 -5.88 -44.15 -15.14
CA LEU A 386 -6.02 -44.71 -16.47
C LEU A 386 -6.09 -43.67 -17.56
N SER A 387 -6.16 -42.39 -17.17
CA SER A 387 -6.19 -41.31 -18.14
C SER A 387 -4.97 -41.36 -19.06
N ILE A 388 -5.18 -41.10 -20.35
CA ILE A 388 -4.05 -40.99 -21.28
C ILE A 388 -3.07 -39.87 -20.87
N SER A 389 -3.53 -38.94 -20.04
CA SER A 389 -2.68 -37.89 -19.50
C SER A 389 -1.84 -38.43 -18.35
N LYS A 390 -2.18 -39.62 -17.87
CA LYS A 390 -1.51 -40.16 -16.69
C LYS A 390 -0.73 -41.43 -16.98
N TRP A 391 -1.18 -42.17 -18.00
CA TRP A 391 -0.55 -43.42 -18.39
C TRP A 391 -0.30 -43.40 -19.88
N ASP A 392 0.92 -43.73 -20.27
CA ASP A 392 1.32 -43.75 -21.67
C ASP A 392 1.09 -45.15 -22.25
N TYR A 393 -0.04 -45.32 -22.93
CA TYR A 393 -0.40 -46.63 -23.48
C TYR A 393 0.50 -47.07 -24.64
N GLU A 394 1.13 -46.13 -25.33
CA GLU A 394 1.99 -46.50 -26.44
C GLU A 394 3.33 -47.01 -25.93
N LYS A 395 3.93 -46.30 -24.97
CA LYS A 395 5.21 -46.73 -24.43
C LYS A 395 5.11 -47.96 -23.52
N ASN A 396 3.89 -48.32 -23.11
CA ASN A 396 3.72 -49.47 -22.24
C ASN A 396 2.75 -50.50 -22.83
N LYS A 397 2.79 -50.60 -24.16
CA LYS A 397 1.98 -51.57 -24.88
C LYS A 397 2.28 -52.97 -24.38
N LYS A 398 1.23 -53.77 -24.28
CA LYS A 398 1.30 -55.09 -23.68
C LYS A 398 0.44 -56.04 -24.50
N GLY A 399 0.99 -57.19 -24.86
CA GLY A 399 0.23 -58.18 -25.61
C GLY A 399 -0.79 -58.88 -24.72
N GLU A 400 -1.35 -59.98 -25.21
CA GLU A 400 -2.29 -60.76 -24.41
C GLU A 400 -1.65 -61.23 -23.12
N MET A 401 -2.34 -61.01 -22.01
CA MET A 401 -1.85 -61.37 -20.69
C MET A 401 -2.75 -62.39 -20.02
N THR A 402 -2.20 -63.08 -19.02
CA THR A 402 -3.02 -63.88 -18.12
C THR A 402 -3.61 -62.94 -17.08
N PRO A 403 -4.71 -63.36 -16.40
CA PRO A 403 -5.29 -62.57 -15.32
C PRO A 403 -4.25 -62.06 -14.32
N GLN A 404 -3.35 -62.93 -13.87
CA GLN A 404 -2.32 -62.54 -12.92
C GLN A 404 -1.35 -61.49 -13.50
N GLN A 405 -1.11 -61.56 -14.80
CA GLN A 405 -0.17 -60.64 -15.44
C GLN A 405 -0.85 -59.28 -15.61
N PHE A 406 -2.12 -59.32 -16.00
CA PHE A 406 -2.96 -58.14 -16.11
C PHE A 406 -3.07 -57.42 -14.77
N HIS A 407 -3.12 -58.20 -13.69
CA HIS A 407 -3.12 -57.68 -12.34
C HIS A 407 -1.85 -56.87 -12.10
N ASP A 408 -0.70 -57.47 -12.42
CA ASP A 408 0.58 -56.79 -12.25
C ASP A 408 0.69 -55.54 -13.12
N TYR A 409 0.09 -55.58 -14.30
CA TYR A 409 0.07 -54.45 -15.21
C TYR A 409 -0.73 -53.30 -14.58
N LEU A 410 -1.95 -53.64 -14.14
CA LEU A 410 -2.82 -52.73 -13.42
C LEU A 410 -2.08 -52.09 -12.26
N PHE A 411 -1.39 -52.94 -11.50
CA PHE A 411 -0.58 -52.48 -10.39
C PHE A 411 0.49 -51.47 -10.82
N GLU A 412 1.04 -51.64 -12.03
CA GLU A 412 2.06 -50.69 -12.50
C GLU A 412 1.42 -49.34 -12.80
N ILE A 413 0.21 -49.36 -13.34
CA ILE A 413 -0.51 -48.11 -13.59
C ILE A 413 -0.80 -47.39 -12.28
N ASP A 414 -1.18 -48.17 -11.26
CA ASP A 414 -1.48 -47.61 -9.95
C ASP A 414 -0.27 -46.89 -9.39
N LYS A 415 0.87 -47.58 -9.40
CA LYS A 415 2.10 -47.06 -8.84
C LYS A 415 2.62 -45.85 -9.64
N ASN A 416 2.24 -45.75 -10.92
CA ASN A 416 2.70 -44.67 -11.78
C ASN A 416 1.90 -43.37 -11.57
N TYR A 417 0.77 -43.47 -10.88
CA TYR A 417 -0.13 -42.32 -10.76
C TYR A 417 0.56 -41.15 -10.08
N LYS A 418 0.48 -39.98 -10.70
CA LYS A 418 1.02 -38.76 -10.10
C LYS A 418 -0.11 -37.84 -9.70
N SER A 419 -0.07 -37.38 -8.46
CA SER A 419 -1.08 -36.45 -7.97
C SER A 419 -0.98 -35.12 -8.73
N PRO A 420 -2.09 -34.37 -8.81
CA PRO A 420 -1.99 -33.02 -9.38
C PRO A 420 -0.84 -32.23 -8.79
N THR A 421 -0.01 -31.64 -9.65
CA THR A 421 1.04 -30.74 -9.21
C THR A 421 0.45 -29.57 -8.39
N PRO A 422 1.24 -29.01 -7.46
CA PRO A 422 0.72 -27.94 -6.60
C PRO A 422 0.72 -26.60 -7.32
N THR A 423 -0.28 -26.40 -8.16
CA THR A 423 -0.41 -25.18 -8.93
C THR A 423 -1.79 -24.52 -8.76
N ALA A 424 -1.87 -23.24 -9.13
CA ALA A 424 -3.12 -22.51 -9.09
C ALA A 424 -4.10 -23.09 -10.09
N GLN A 425 -3.55 -23.48 -11.24
CA GLN A 425 -4.30 -24.11 -12.31
C GLN A 425 -5.04 -25.34 -11.80
N ASN A 426 -4.35 -26.20 -11.07
CA ASN A 426 -4.97 -27.40 -10.53
C ASN A 426 -5.92 -27.08 -9.39
N ALA A 427 -5.52 -26.20 -8.47
CA ALA A 427 -6.39 -25.84 -7.36
C ALA A 427 -7.69 -25.25 -7.91
N LYS A 428 -7.58 -24.46 -8.98
CA LYS A 428 -8.78 -23.89 -9.60
C LYS A 428 -9.66 -24.98 -10.23
N GLN A 429 -9.05 -25.90 -10.96
CA GLN A 429 -9.84 -26.95 -11.60
C GLN A 429 -10.48 -27.88 -10.57
N GLU A 430 -9.78 -28.16 -9.48
CA GLU A 430 -10.33 -28.97 -8.38
C GLU A 430 -11.53 -28.28 -7.74
N ALA A 431 -11.44 -26.95 -7.61
CA ALA A 431 -12.49 -26.18 -6.99
C ALA A 431 -13.75 -26.20 -7.84
N TYR A 432 -13.58 -26.09 -9.16
CA TYR A 432 -14.71 -26.06 -10.05
C TYR A 432 -15.33 -27.46 -10.15
N TYR A 433 -14.48 -28.48 -10.14
CA TYR A 433 -14.94 -29.86 -10.12
C TYR A 433 -15.79 -30.12 -8.88
N LEU A 434 -15.25 -29.79 -7.71
CA LEU A 434 -15.90 -30.18 -6.48
C LEU A 434 -17.17 -29.38 -6.24
N SER A 435 -17.13 -28.07 -6.53
CA SER A 435 -18.32 -27.25 -6.37
C SER A 435 -19.40 -27.76 -7.33
N ASN A 436 -19.01 -28.17 -8.54
CA ASN A 436 -19.98 -28.76 -9.47
C ASN A 436 -20.56 -30.10 -8.97
N VAL A 437 -19.76 -30.86 -8.25
CA VAL A 437 -20.26 -32.08 -7.63
C VAL A 437 -21.31 -31.76 -6.55
N PHE A 438 -21.05 -30.75 -5.72
CA PHE A 438 -22.03 -30.31 -4.73
C PHE A 438 -23.28 -29.74 -5.39
N ASN A 439 -23.11 -29.00 -6.49
CA ASN A 439 -24.25 -28.35 -7.14
C ASN A 439 -25.14 -29.31 -7.91
N ASN A 440 -24.54 -30.29 -8.57
CA ASN A 440 -25.27 -31.07 -9.56
C ASN A 440 -25.26 -32.58 -9.36
N PHE A 441 -24.54 -33.07 -8.37
CA PHE A 441 -24.48 -34.50 -8.16
C PHE A 441 -25.00 -34.88 -6.78
N ILE A 442 -24.49 -34.22 -5.74
CA ILE A 442 -24.95 -34.47 -4.38
C ILE A 442 -26.46 -34.15 -4.21
N HIS A 443 -27.19 -35.07 -3.58
CA HIS A 443 -28.64 -34.91 -3.38
C HIS A 443 -29.42 -34.74 -4.68
N THR A 444 -28.98 -35.44 -5.72
CA THR A 444 -29.75 -35.58 -6.95
C THR A 444 -29.68 -37.04 -7.39
N ASN A 445 -30.37 -37.39 -8.47
CA ASN A 445 -30.33 -38.78 -8.93
C ASN A 445 -29.03 -39.15 -9.66
N GLN A 446 -28.02 -38.29 -9.54
CA GLN A 446 -26.69 -38.58 -10.08
C GLN A 446 -25.68 -38.81 -8.95
N LYS A 447 -26.19 -38.87 -7.72
CA LYS A 447 -25.42 -39.21 -6.50
C LYS A 447 -24.30 -40.23 -6.68
N PHE A 448 -24.54 -41.23 -7.52
CA PHE A 448 -23.65 -42.38 -7.64
C PHE A 448 -22.93 -42.36 -8.96
N ASN A 449 -23.16 -41.30 -9.73
CA ASN A 449 -22.46 -41.07 -10.98
C ASN A 449 -21.38 -40.00 -10.88
N ILE A 450 -20.79 -39.80 -9.70
CA ILE A 450 -19.79 -38.75 -9.55
C ILE A 450 -18.48 -39.23 -10.17
N PRO A 451 -17.99 -38.52 -11.20
CA PRO A 451 -16.72 -38.95 -11.81
C PRO A 451 -15.50 -38.58 -10.95
N SER A 452 -14.40 -39.30 -11.15
CA SER A 452 -13.17 -38.95 -10.44
C SER A 452 -12.59 -37.64 -10.96
N PHE A 453 -11.77 -36.97 -10.16
CA PHE A 453 -11.15 -35.75 -10.66
C PHE A 453 -9.95 -36.05 -11.56
N ILE A 454 -9.92 -35.47 -12.76
CA ILE A 454 -8.74 -35.56 -13.64
C ILE A 454 -8.36 -34.16 -14.17
N GLU A 455 -7.18 -33.65 -13.82
CA GLU A 455 -6.79 -32.29 -14.24
C GLU A 455 -6.46 -32.23 -15.72
N LYS A 456 -6.55 -31.04 -16.28
CA LYS A 456 -6.14 -30.80 -17.66
C LYS A 456 -4.99 -29.79 -17.69
N TRP A 457 -3.85 -30.20 -18.24
CA TRP A 457 -2.70 -29.30 -18.30
C TRP A 457 -2.94 -28.24 -19.35
N LYS A 458 -2.79 -26.98 -18.96
CA LYS A 458 -3.06 -25.86 -19.85
C LYS A 458 -1.77 -25.19 -20.34
N GLY A 459 -0.64 -25.56 -19.74
CA GLY A 459 0.62 -24.92 -20.08
C GLY A 459 1.01 -23.90 -19.03
N SER A 460 2.23 -23.38 -19.13
CA SER A 460 2.72 -22.39 -18.20
C SER A 460 3.50 -21.31 -18.93
N LEU A 461 3.55 -20.13 -18.31
CA LEU A 461 4.22 -18.96 -18.82
C LEU A 461 5.21 -18.48 -17.78
N ALA A 462 6.30 -17.86 -18.24
CA ALA A 462 7.25 -17.21 -17.34
C ALA A 462 7.81 -15.97 -18.00
N TYR A 463 7.87 -14.89 -17.23
CA TYR A 463 8.59 -13.70 -17.65
C TYR A 463 10.08 -13.81 -17.25
N ILE A 464 10.99 -13.61 -18.20
CA ILE A 464 12.40 -13.82 -17.91
C ILE A 464 13.25 -12.55 -18.14
N GLY A 465 12.59 -11.41 -18.30
CA GLY A 465 13.30 -10.14 -18.35
C GLY A 465 13.46 -9.52 -19.73
N ASN A 466 13.55 -8.20 -19.73
CA ASN A 466 13.79 -7.41 -20.95
C ASN A 466 12.77 -7.74 -22.04
N HIS A 467 11.51 -7.82 -21.62
CA HIS A 467 10.36 -8.00 -22.49
C HIS A 467 10.25 -9.43 -23.04
N GLN A 468 11.10 -10.34 -22.57
CA GLN A 468 11.08 -11.71 -23.07
C GLN A 468 10.18 -12.61 -22.22
N VAL A 469 9.16 -13.16 -22.87
CA VAL A 469 8.28 -14.11 -22.24
C VAL A 469 8.48 -15.49 -22.87
N VAL A 470 8.61 -16.51 -22.02
CA VAL A 470 8.60 -17.89 -22.49
C VAL A 470 7.26 -18.58 -22.13
N ALA A 471 6.85 -19.53 -22.93
CA ALA A 471 5.67 -20.33 -22.60
C ALA A 471 5.86 -21.76 -23.10
N ASP A 472 5.47 -22.68 -22.25
CA ASP A 472 5.54 -24.10 -22.53
C ASP A 472 4.10 -24.60 -22.49
N LEU A 473 3.49 -24.72 -23.66
CA LEU A 473 2.07 -25.02 -23.81
C LEU A 473 1.89 -26.41 -24.46
N PRO A 474 0.68 -26.99 -24.33
CA PRO A 474 0.47 -28.33 -24.92
C PRO A 474 1.08 -28.53 -26.33
N TYR A 475 0.87 -27.62 -27.25
CA TYR A 475 1.38 -27.89 -28.60
C TYR A 475 2.31 -26.81 -29.18
N TYR A 476 2.81 -25.92 -28.32
CA TYR A 476 3.74 -24.88 -28.76
C TYR A 476 4.70 -24.50 -27.64
N GLU A 477 5.89 -24.03 -28.02
CA GLU A 477 6.78 -23.31 -27.14
C GLU A 477 6.95 -21.90 -27.67
N LEU A 478 6.92 -20.95 -26.74
CA LEU A 478 7.21 -19.55 -26.99
C LEU A 478 8.57 -19.27 -26.37
N LYS A 479 9.46 -18.63 -27.13
CA LYS A 479 10.79 -18.32 -26.62
C LYS A 479 11.16 -16.85 -26.90
N GLY A 480 10.48 -15.94 -26.24
CA GLY A 480 10.77 -14.51 -26.33
C GLY A 480 10.27 -13.86 -27.63
N GLY A 481 10.84 -12.72 -27.98
CA GLY A 481 10.42 -12.04 -29.18
C GLY A 481 9.47 -10.90 -28.90
N ARG A 482 9.32 -10.00 -29.88
CA ARG A 482 8.61 -8.75 -29.69
C ARG A 482 7.17 -8.94 -29.26
N PHE A 483 6.53 -9.99 -29.76
CA PHE A 483 5.14 -10.24 -29.44
C PHE A 483 4.93 -11.18 -28.25
N SER A 484 6.01 -11.64 -27.63
CA SER A 484 5.88 -12.57 -26.52
C SER A 484 5.24 -11.90 -25.30
N SER A 485 5.57 -10.63 -25.03
CA SER A 485 4.92 -9.90 -23.94
C SER A 485 3.44 -9.68 -24.24
N THR A 486 3.13 -9.47 -25.52
CA THR A 486 1.74 -9.30 -25.94
C THR A 486 0.93 -10.55 -25.64
N PHE A 487 1.51 -11.71 -25.92
CA PHE A 487 0.85 -12.98 -25.63
C PHE A 487 0.61 -13.12 -24.13
N TRP A 488 1.62 -12.78 -23.33
CA TRP A 488 1.51 -12.82 -21.89
C TRP A 488 0.31 -12.00 -21.39
N LYS A 489 0.16 -10.79 -21.91
CA LYS A 489 -0.92 -9.91 -21.47
C LYS A 489 -2.32 -10.44 -21.86
N VAL A 490 -2.50 -10.94 -23.07
CA VAL A 490 -3.82 -11.42 -23.43
C VAL A 490 -4.13 -12.70 -22.67
N VAL A 491 -3.12 -13.48 -22.31
CA VAL A 491 -3.38 -14.66 -21.50
C VAL A 491 -3.84 -14.22 -20.11
N TYR A 492 -3.03 -13.44 -19.41
CA TYR A 492 -3.36 -13.16 -18.01
C TYR A 492 -4.59 -12.27 -17.83
N ILE A 493 -4.89 -11.39 -18.78
CA ILE A 493 -6.09 -10.56 -18.60
C ILE A 493 -7.35 -11.44 -18.64
N GLN A 494 -7.27 -12.60 -19.31
CA GLN A 494 -8.42 -13.50 -19.31
C GLN A 494 -8.45 -14.38 -18.08
N LEU A 495 -7.30 -14.56 -17.46
CA LEU A 495 -7.20 -15.43 -16.30
C LEU A 495 -7.63 -14.71 -15.01
N LEU A 496 -7.59 -13.39 -15.02
CA LEU A 496 -8.03 -12.59 -13.86
C LEU A 496 -9.52 -12.81 -13.62
N LEU A 497 -9.95 -12.69 -12.36
CA LEU A 497 -11.27 -13.20 -11.95
C LEU A 497 -12.36 -12.13 -11.81
N SER A 498 -12.05 -10.86 -12.14
CA SER A 498 -13.04 -9.79 -12.13
C SER A 498 -12.72 -8.75 -13.19
N TRP A 499 -13.74 -8.02 -13.62
CA TRP A 499 -13.54 -6.87 -14.51
C TRP A 499 -12.76 -5.77 -13.80
N LYS A 500 -12.93 -5.66 -12.49
CA LYS A 500 -12.17 -4.71 -11.67
C LYS A 500 -10.67 -4.94 -11.88
N SER A 501 -10.23 -6.19 -11.71
CA SER A 501 -8.81 -6.49 -11.79
C SER A 501 -8.29 -6.32 -13.22
N ARG A 502 -9.13 -6.61 -14.19
CA ARG A 502 -8.75 -6.45 -15.59
C ARG A 502 -8.53 -4.99 -15.95
N PHE A 503 -9.42 -4.14 -15.42
CA PHE A 503 -9.30 -2.70 -15.60
C PHE A 503 -7.97 -2.22 -15.04
N HIS A 504 -7.66 -2.65 -13.82
CA HIS A 504 -6.39 -2.30 -13.18
C HIS A 504 -5.15 -2.84 -13.90
N PHE A 505 -5.26 -4.06 -14.41
CA PHE A 505 -4.21 -4.73 -15.19
C PHE A 505 -3.83 -3.86 -16.39
N PHE A 506 -4.84 -3.48 -17.15
CA PHE A 506 -4.68 -2.60 -18.29
C PHE A 506 -4.11 -1.22 -17.89
N ILE A 507 -4.70 -0.58 -16.89
CA ILE A 507 -4.24 0.74 -16.47
C ILE A 507 -2.82 0.73 -15.90
N ASP A 508 -2.48 -0.29 -15.10
CA ASP A 508 -1.12 -0.39 -14.54
C ASP A 508 -0.03 -0.45 -15.60
N PHE A 509 -0.31 -1.12 -16.71
CA PHE A 509 0.66 -1.20 -17.77
C PHE A 509 0.78 0.13 -18.51
N ILE A 510 -0.33 0.83 -18.71
CA ILE A 510 -0.25 2.20 -19.22
C ILE A 510 0.55 3.10 -18.28
N LYS A 511 0.25 3.05 -16.98
CA LYS A 511 0.98 3.88 -16.02
C LYS A 511 2.48 3.56 -16.01
N THR A 512 2.83 2.29 -16.00
CA THR A 512 4.24 1.91 -15.98
C THR A 512 4.94 2.32 -17.29
N LYS A 513 4.27 2.18 -18.43
CA LYS A 513 4.85 2.64 -19.68
C LYS A 513 5.06 4.16 -19.71
N TRP A 514 4.04 4.93 -19.32
CA TRP A 514 4.10 6.40 -19.41
C TRP A 514 4.89 7.08 -18.29
N TYR A 515 4.74 6.60 -17.06
CA TYR A 515 5.36 7.30 -15.93
C TYR A 515 6.44 6.52 -15.20
N GLY A 516 6.56 5.22 -15.46
CA GLY A 516 7.59 4.43 -14.82
C GLY A 516 7.13 3.80 -13.50
N ARG A 517 7.95 2.90 -12.96
CA ARG A 517 7.68 2.28 -11.67
C ARG A 517 7.93 3.27 -10.54
N PRO A 518 7.05 3.28 -9.54
CA PRO A 518 7.16 4.29 -8.47
C PRO A 518 8.24 3.95 -7.41
N PHE A 519 8.70 4.95 -6.66
CA PHE A 519 9.70 4.75 -5.61
C PHE A 519 9.15 5.01 -4.22
N ILE A 520 7.85 5.29 -4.13
CA ILE A 520 7.21 5.51 -2.83
C ILE A 520 7.40 4.30 -1.90
N LYS A 521 8.06 4.52 -0.78
CA LYS A 521 8.21 3.49 0.24
C LYS A 521 7.75 4.03 1.60
N ARG B 27 32.32 24.36 -7.40
CA ARG B 27 32.40 25.57 -6.57
C ARG B 27 31.09 26.38 -6.66
N LYS B 28 30.02 25.75 -7.12
CA LYS B 28 28.72 26.40 -7.07
C LYS B 28 28.32 26.59 -5.61
N GLU B 29 27.64 27.69 -5.30
CA GLU B 29 27.11 27.87 -3.95
C GLU B 29 26.13 26.75 -3.60
N LYS B 30 26.22 26.26 -2.37
CA LYS B 30 25.40 25.13 -1.96
C LYS B 30 24.12 25.54 -1.19
N ILE B 31 22.97 25.14 -1.72
CA ILE B 31 21.72 25.32 -0.99
C ILE B 31 21.26 23.99 -0.40
N ILE B 32 21.07 23.94 0.91
CA ILE B 32 20.46 22.77 1.53
C ILE B 32 18.98 23.07 1.89
N ILE B 33 18.07 22.27 1.34
CA ILE B 33 16.65 22.34 1.69
C ILE B 33 16.32 21.28 2.74
N LEU B 34 15.73 21.70 3.86
CA LEU B 34 15.28 20.72 4.85
C LEU B 34 13.78 20.53 4.71
N GLY B 35 13.38 19.32 4.34
CA GLY B 35 11.98 18.97 4.22
C GLY B 35 11.57 18.68 2.79
N SER B 36 10.73 17.67 2.62
CA SER B 36 10.20 17.35 1.30
C SER B 36 8.70 17.60 1.26
N GLY B 37 8.22 18.63 1.95
CA GLY B 37 6.80 18.91 1.97
C GLY B 37 6.45 20.04 1.03
N TRP B 38 5.34 20.73 1.30
CA TRP B 38 4.85 21.78 0.39
C TRP B 38 5.87 22.86 0.17
N GLY B 39 6.55 23.26 1.23
CA GLY B 39 7.61 24.25 1.10
C GLY B 39 8.85 23.70 0.40
N GLY B 40 9.45 22.64 0.95
CA GLY B 40 10.72 22.14 0.41
C GLY B 40 10.63 21.64 -1.02
N PHE B 41 9.59 20.85 -1.29
CA PHE B 41 9.40 20.30 -2.64
C PHE B 41 9.15 21.40 -3.68
N ASN B 42 8.32 22.39 -3.37
CA ASN B 42 8.05 23.41 -4.37
C ASN B 42 9.25 24.34 -4.57
N PHE B 43 10.09 24.48 -3.55
CA PHE B 43 11.32 25.22 -3.73
C PHE B 43 12.20 24.47 -4.74
N LEU B 44 12.36 23.18 -4.48
CA LEU B 44 13.08 22.25 -5.35
C LEU B 44 12.61 22.33 -6.80
N LEU B 45 11.29 22.33 -7.00
CA LEU B 45 10.68 22.38 -8.31
C LEU B 45 11.08 23.64 -9.07
N ASN B 46 11.36 24.73 -8.36
CA ASN B 46 11.62 26.00 -9.05
C ASN B 46 13.07 26.49 -8.98
N ILE B 47 13.88 25.92 -8.10
CA ILE B 47 15.22 26.43 -7.89
C ILE B 47 16.10 26.05 -9.10
N ASP B 48 16.91 26.99 -9.56
CA ASP B 48 17.72 26.79 -10.77
C ASP B 48 18.93 25.92 -10.44
N PHE B 49 18.90 24.67 -10.89
CA PHE B 49 19.99 23.73 -10.65
C PHE B 49 21.28 24.12 -11.39
N LYS B 50 21.15 24.96 -12.42
CA LYS B 50 22.35 25.43 -13.11
C LYS B 50 23.09 26.47 -12.25
N LYS B 51 22.34 27.33 -11.55
CA LYS B 51 22.96 28.37 -10.73
C LYS B 51 23.45 27.87 -9.37
N TYR B 52 22.84 26.81 -8.86
CA TYR B 52 23.10 26.42 -7.50
C TYR B 52 23.32 24.93 -7.42
N ASP B 53 24.08 24.52 -6.41
CA ASP B 53 24.16 23.11 -6.06
C ASP B 53 23.15 22.80 -4.96
N VAL B 54 22.06 22.12 -5.32
CA VAL B 54 20.95 21.94 -4.39
C VAL B 54 20.82 20.52 -3.85
N THR B 55 20.80 20.40 -2.52
CA THR B 55 20.51 19.13 -1.88
C THR B 55 19.30 19.26 -0.97
N LEU B 56 18.29 18.43 -1.23
CA LEU B 56 17.14 18.34 -0.33
C LEU B 56 17.36 17.21 0.66
N ILE B 57 17.14 17.51 1.93
CA ILE B 57 17.32 16.54 2.99
C ILE B 57 16.00 16.33 3.74
N SER B 58 15.54 15.08 3.75
CA SER B 58 14.30 14.74 4.45
C SER B 58 14.23 13.26 4.74
N PRO B 59 13.69 12.90 5.91
CA PRO B 59 13.57 11.47 6.22
C PRO B 59 12.52 10.79 5.34
N ARG B 60 11.77 11.61 4.58
CA ARG B 60 10.67 11.16 3.76
C ARG B 60 11.05 11.33 2.30
N ASN B 61 11.17 10.25 1.55
CA ASN B 61 11.69 10.40 0.20
C ASN B 61 10.60 10.75 -0.83
N TYR B 62 9.44 11.16 -0.35
CA TYR B 62 8.39 11.65 -1.22
C TYR B 62 7.74 12.91 -0.70
N PHE B 63 7.06 13.63 -1.59
CA PHE B 63 6.22 14.75 -1.22
C PHE B 63 4.79 14.22 -1.01
N THR B 64 4.10 14.77 -0.01
CA THR B 64 2.72 14.36 0.27
C THR B 64 1.72 15.46 -0.07
N PHE B 65 0.84 15.17 -1.02
CA PHE B 65 -0.21 16.07 -1.38
C PHE B 65 -1.27 15.99 -0.27
N THR B 66 -1.01 16.71 0.82
CA THR B 66 -1.81 16.63 2.04
C THR B 66 -3.34 16.86 1.90
N PRO B 67 -3.78 17.78 1.00
CA PRO B 67 -5.24 17.98 0.93
C PRO B 67 -6.06 16.74 0.54
N LEU B 68 -5.43 15.72 -0.04
CA LEU B 68 -6.19 14.55 -0.47
C LEU B 68 -6.07 13.39 0.49
N LEU B 69 -5.34 13.61 1.58
CA LEU B 69 -5.17 12.56 2.59
C LEU B 69 -6.50 11.98 3.15
N PRO B 70 -7.53 12.81 3.35
CA PRO B 70 -8.79 12.23 3.88
C PRO B 70 -9.42 11.21 2.94
N CYS B 71 -9.26 11.42 1.64
CA CYS B 71 -9.67 10.47 0.59
C CYS B 71 -8.93 9.14 0.67
N LEU B 72 -7.74 9.16 1.24
CA LEU B 72 -6.96 7.95 1.38
C LEU B 72 -7.48 7.12 2.57
N CYS B 73 -8.00 7.80 3.60
CA CYS B 73 -8.58 7.11 4.77
C CYS B 73 -9.74 6.19 4.41
N SER B 74 -10.46 6.52 3.35
CA SER B 74 -11.63 5.73 2.96
C SER B 74 -11.36 4.83 1.76
N GLY B 75 -10.25 5.07 1.08
CA GLY B 75 -9.92 4.33 -0.12
C GLY B 75 -10.54 4.91 -1.38
N THR B 76 -11.08 6.12 -1.30
CA THR B 76 -11.61 6.78 -2.51
C THR B 76 -10.48 7.01 -3.53
N LEU B 77 -9.33 7.43 -3.05
CA LEU B 77 -8.17 7.69 -3.88
C LEU B 77 -6.98 6.83 -3.40
N SER B 78 -6.00 6.65 -4.27
CA SER B 78 -4.84 5.80 -3.95
C SER B 78 -3.61 6.61 -3.57
N VAL B 79 -2.58 5.92 -3.14
CA VAL B 79 -1.37 6.55 -2.68
C VAL B 79 -0.68 7.29 -3.84
N ASN B 80 -0.78 6.78 -5.06
CA ASN B 80 -0.11 7.41 -6.19
C ASN B 80 -0.68 8.78 -6.57
N VAL B 81 -1.93 9.04 -6.22
CA VAL B 81 -2.53 10.37 -6.41
C VAL B 81 -1.98 11.35 -5.37
N CYS B 82 -1.65 10.83 -4.19
CA CYS B 82 -1.32 11.64 -3.02
C CYS B 82 0.17 11.87 -2.79
N THR B 83 1.02 11.41 -3.71
CA THR B 83 2.46 11.50 -3.49
C THR B 83 3.22 11.88 -4.74
N GLU B 84 4.42 12.42 -4.54
CA GLU B 84 5.43 12.54 -5.60
C GLU B 84 6.80 12.10 -5.07
N SER B 85 7.46 11.19 -5.79
CA SER B 85 8.83 10.77 -5.43
C SER B 85 9.85 11.88 -5.70
N ILE B 86 10.58 12.28 -4.67
CA ILE B 86 11.54 13.38 -4.81
C ILE B 86 12.52 13.18 -5.98
N ARG B 87 13.02 11.95 -6.14
CA ARG B 87 14.08 11.71 -7.14
C ARG B 87 13.61 11.84 -8.59
N ASN B 88 12.31 11.82 -8.81
CA ASN B 88 11.77 12.04 -10.14
C ASN B 88 11.83 13.49 -10.58
N PHE B 89 12.26 14.38 -9.70
CA PHE B 89 12.28 15.80 -10.02
C PHE B 89 13.67 16.41 -9.83
N LEU B 90 14.69 15.54 -9.81
CA LEU B 90 16.05 16.00 -9.55
C LEU B 90 16.80 16.34 -10.83
N ARG B 91 16.25 16.01 -11.97
CA ARG B 91 16.93 16.23 -13.25
C ARG B 91 16.07 17.13 -14.10
N LYS B 92 16.43 18.40 -14.20
CA LYS B 92 15.64 19.32 -15.00
C LYS B 92 16.10 19.32 -16.45
N LYS B 93 15.25 19.85 -17.32
CA LYS B 93 15.35 19.63 -18.75
C LYS B 93 16.62 20.22 -19.39
N ASN B 94 17.15 21.27 -18.77
CA ASN B 94 18.40 21.88 -19.22
C ASN B 94 19.63 21.01 -18.94
N GLY B 95 19.43 19.85 -18.33
CA GLY B 95 20.51 18.90 -18.08
C GLY B 95 21.19 18.99 -16.72
N TYR B 96 20.81 19.96 -15.91
CA TYR B 96 21.42 20.13 -14.59
C TYR B 96 20.60 19.44 -13.49
N CYS B 97 21.27 19.02 -12.42
CA CYS B 97 20.68 18.11 -11.45
C CYS B 97 20.74 18.60 -10.01
N GLY B 98 19.81 18.13 -9.19
CA GLY B 98 19.86 18.34 -7.76
C GLY B 98 20.16 17.01 -7.09
N ASN B 99 20.32 17.05 -5.77
CA ASN B 99 20.56 15.86 -4.97
C ASN B 99 19.51 15.70 -3.89
N TYR B 100 19.30 14.46 -3.47
CA TYR B 100 18.44 14.17 -2.33
C TYR B 100 19.15 13.23 -1.37
N LEU B 101 19.03 13.49 -0.07
CA LEU B 101 19.55 12.59 0.97
C LEU B 101 18.46 12.24 1.97
N GLN B 102 18.33 10.95 2.27
CA GLN B 102 17.30 10.53 3.21
C GLN B 102 17.85 10.59 4.62
N LEU B 103 17.74 11.77 5.21
CA LEU B 103 18.27 12.03 6.54
C LEU B 103 17.31 12.91 7.32
N GLU B 104 17.37 12.78 8.64
CA GLU B 104 16.69 13.69 9.55
C GLU B 104 17.71 14.67 10.12
N CYS B 105 17.52 15.97 9.89
CA CYS B 105 18.39 16.97 10.49
C CYS B 105 18.12 17.08 11.98
N THR B 106 19.20 17.13 12.79
CA THR B 106 19.03 17.11 14.25
C THR B 106 19.55 18.39 14.91
N ASP B 107 20.49 19.07 14.25
CA ASP B 107 21.07 20.30 14.78
C ASP B 107 21.46 21.22 13.66
N VAL B 108 21.31 22.52 13.88
CA VAL B 108 21.84 23.50 12.95
C VAL B 108 22.93 24.30 13.67
N PHE B 109 24.06 24.50 13.02
CA PHE B 109 25.16 25.32 13.58
C PHE B 109 25.39 26.52 12.71
N TYR B 110 24.66 27.59 12.97
CA TYR B 110 24.67 28.72 12.05
C TYR B 110 26.02 29.43 12.00
N GLU B 111 26.78 29.37 13.11
CA GLU B 111 28.09 30.03 13.15
C GLU B 111 29.07 29.39 12.15
N ASP B 112 29.14 28.06 12.16
CA ASP B 112 30.07 27.36 11.28
C ASP B 112 29.44 26.88 9.97
N LYS B 113 28.15 27.17 9.79
CA LYS B 113 27.42 26.85 8.56
C LYS B 113 27.39 25.37 8.21
N TYR B 114 27.02 24.55 9.18
CA TYR B 114 26.75 23.16 8.87
C TYR B 114 25.61 22.63 9.73
N ILE B 115 25.09 21.49 9.32
CA ILE B 115 24.04 20.82 10.06
C ILE B 115 24.49 19.41 10.41
N ASN B 116 24.00 18.90 11.54
CA ASN B 116 24.12 17.50 11.86
C ASN B 116 22.83 16.76 11.52
N CYS B 117 22.96 15.65 10.79
CA CYS B 117 21.82 14.81 10.49
C CYS B 117 22.08 13.39 10.98
N ILE B 118 21.01 12.59 11.07
CA ILE B 118 21.13 11.15 11.33
C ILE B 118 20.40 10.39 10.26
N ASP B 119 20.85 9.16 9.98
CA ASP B 119 20.11 8.28 9.10
C ASP B 119 19.18 7.42 9.94
N ILE B 120 18.43 6.57 9.29
CA ILE B 120 17.47 5.69 9.95
C ILE B 120 18.12 4.77 10.99
N GLU B 121 19.43 4.59 10.92
CA GLU B 121 20.11 3.73 11.88
C GLU B 121 20.93 4.55 12.87
N ASN B 122 20.60 5.84 12.94
CA ASN B 122 21.20 6.77 13.90
C ASN B 122 22.67 7.04 13.69
N ASN B 123 23.16 6.82 12.48
CA ASN B 123 24.52 7.24 12.18
C ASN B 123 24.54 8.75 11.90
N LYS B 124 25.39 9.48 12.61
CA LYS B 124 25.50 10.92 12.40
C LYS B 124 26.20 11.25 11.08
N VAL B 125 25.79 12.35 10.46
CA VAL B 125 26.44 12.84 9.25
C VAL B 125 26.43 14.37 9.23
N LYS B 126 27.57 14.94 8.84
CA LYS B 126 27.76 16.38 8.93
C LYS B 126 27.82 16.97 7.52
N LEU B 127 27.10 18.08 7.31
CA LEU B 127 26.96 18.68 5.98
C LEU B 127 27.06 20.20 6.04
N PHE B 128 27.87 20.76 5.15
CA PHE B 128 28.06 22.19 5.06
C PHE B 128 27.13 22.80 4.03
N TYR B 129 26.79 24.08 4.23
CA TYR B 129 25.97 24.81 3.27
C TYR B 129 26.43 26.24 3.13
N ASP B 130 26.10 26.86 2.01
CA ASP B 130 26.17 28.31 1.86
C ASP B 130 24.83 28.97 2.24
N TYR B 131 23.72 28.32 1.87
CA TYR B 131 22.37 28.72 2.28
C TYR B 131 21.61 27.52 2.81
N LEU B 132 20.78 27.77 3.82
CA LEU B 132 19.94 26.74 4.40
C LEU B 132 18.45 27.15 4.35
N ILE B 133 17.63 26.34 3.68
CA ILE B 133 16.20 26.60 3.61
C ILE B 133 15.46 25.66 4.56
N ILE B 134 15.02 26.17 5.71
CA ILE B 134 14.31 25.32 6.66
C ILE B 134 12.82 25.23 6.31
N ALA B 135 12.36 24.03 5.96
CA ALA B 135 10.97 23.78 5.62
C ALA B 135 10.51 22.47 6.23
N VAL B 136 10.71 22.35 7.54
CA VAL B 136 10.48 21.08 8.22
C VAL B 136 9.05 20.92 8.75
N GLY B 137 8.21 21.92 8.50
CA GLY B 137 6.80 21.83 8.84
C GLY B 137 6.56 21.78 10.34
N ALA B 138 5.47 21.14 10.74
CA ALA B 138 5.12 21.03 12.15
C ALA B 138 4.76 19.58 12.46
N LYS B 139 4.54 19.27 13.74
CA LYS B 139 4.13 17.92 14.09
C LYS B 139 2.79 17.98 14.77
N THR B 140 2.19 16.82 15.03
CA THR B 140 0.87 16.81 15.61
C THR B 140 0.93 17.26 17.08
N ASN B 141 -0.12 17.92 17.51
CA ASN B 141 -0.22 18.42 18.88
C ASN B 141 -1.24 17.61 19.69
N THR B 142 -0.79 17.00 20.79
CA THR B 142 -1.69 16.21 21.63
C THR B 142 -2.27 17.04 22.78
N PHE B 143 -1.83 18.30 22.88
CA PHE B 143 -2.22 19.21 23.97
C PHE B 143 -1.92 18.62 25.34
N ASN B 144 -0.93 17.72 25.40
CA ASN B 144 -0.53 17.04 26.62
C ASN B 144 -1.69 16.30 27.27
N ILE B 145 -2.77 16.11 26.52
CA ILE B 145 -3.90 15.32 27.00
C ILE B 145 -3.46 13.89 27.17
N ASN B 146 -3.72 13.35 28.35
CA ASN B 146 -3.35 11.98 28.68
C ASN B 146 -3.97 10.99 27.69
N GLY B 147 -3.12 10.15 27.10
CA GLY B 147 -3.59 9.04 26.30
C GLY B 147 -3.80 9.23 24.81
N VAL B 148 -3.75 10.46 24.29
CA VAL B 148 -3.98 10.59 22.85
C VAL B 148 -2.76 10.07 22.08
N ASP B 149 -1.56 10.24 22.61
CA ASP B 149 -0.35 9.72 21.96
C ASP B 149 -0.40 8.19 21.89
N LYS B 150 -0.98 7.62 22.93
CA LYS B 150 -1.07 6.18 23.06
C LYS B 150 -2.18 5.56 22.22
N TYR B 151 -3.35 6.19 22.20
CA TYR B 151 -4.53 5.52 21.66
C TYR B 151 -5.13 6.13 20.39
N ALA B 152 -4.80 7.39 20.12
CA ALA B 152 -5.43 8.09 19.00
C ALA B 152 -4.64 7.90 17.71
N TYR B 153 -5.36 7.95 16.60
CA TYR B 153 -4.74 7.91 15.27
C TYR B 153 -4.65 9.33 14.71
N PHE B 154 -3.43 9.78 14.39
CA PHE B 154 -3.24 11.08 13.77
C PHE B 154 -3.54 11.01 12.28
N VAL B 155 -3.73 12.18 11.67
CA VAL B 155 -4.01 12.27 10.23
C VAL B 155 -3.08 13.24 9.56
N LYS B 156 -1.77 13.00 9.62
CA LYS B 156 -0.85 14.00 9.12
C LYS B 156 -0.15 13.55 7.85
N ASP B 157 -0.02 12.25 7.65
CA ASP B 157 0.73 11.77 6.49
C ASP B 157 0.16 10.45 5.95
N ILE B 158 0.73 10.02 4.83
CA ILE B 158 0.28 8.84 4.13
C ILE B 158 0.13 7.62 5.05
N ASP B 159 1.13 7.34 5.88
CA ASP B 159 1.06 6.16 6.73
C ASP B 159 -0.08 6.26 7.75
N ASP B 160 -0.30 7.46 8.29
CA ASP B 160 -1.42 7.72 9.20
C ASP B 160 -2.76 7.36 8.56
N ALA B 161 -2.97 7.83 7.34
CA ALA B 161 -4.21 7.60 6.62
C ALA B 161 -4.41 6.11 6.38
N LEU B 162 -3.34 5.45 6.01
CA LEU B 162 -3.36 4.02 5.75
C LEU B 162 -3.65 3.18 7.03
N LYS B 163 -3.07 3.59 8.15
CA LYS B 163 -3.33 2.90 9.42
C LYS B 163 -4.78 3.11 9.86
N ILE B 164 -5.31 4.31 9.59
CA ILE B 164 -6.69 4.63 9.94
C ILE B 164 -7.65 3.75 9.16
N ARG B 165 -7.43 3.66 7.85
CA ARG B 165 -8.24 2.79 6.97
C ARG B 165 -8.19 1.34 7.44
N LYS B 166 -6.98 0.83 7.60
CA LYS B 166 -6.75 -0.53 8.08
C LYS B 166 -7.47 -0.84 9.43
N LYS B 167 -7.34 0.07 10.41
CA LYS B 167 -7.96 -0.12 11.72
C LYS B 167 -9.47 -0.20 11.61
N PHE B 168 -10.05 0.69 10.82
CA PHE B 168 -11.48 0.69 10.62
C PHE B 168 -11.91 -0.65 9.99
N LEU B 169 -11.13 -1.16 9.05
CA LEU B 169 -11.50 -2.41 8.39
C LEU B 169 -11.33 -3.58 9.35
N ASP B 170 -10.31 -3.53 10.20
CA ASP B 170 -10.12 -4.58 11.20
C ASP B 170 -11.32 -4.64 12.15
N ILE B 171 -11.89 -3.48 12.49
CA ILE B 171 -13.00 -3.44 13.43
C ILE B 171 -14.23 -4.04 12.79
N LEU B 172 -14.49 -3.71 11.52
CA LEU B 172 -15.63 -4.31 10.82
C LEU B 172 -15.60 -5.85 10.85
N GLU B 173 -14.42 -6.42 10.58
CA GLU B 173 -14.30 -7.87 10.54
C GLU B 173 -14.46 -8.47 11.93
N LYS B 174 -13.84 -7.84 12.92
CA LYS B 174 -13.94 -8.28 14.29
C LYS B 174 -15.40 -8.37 14.75
N CYS B 175 -16.18 -7.36 14.40
CA CYS B 175 -17.59 -7.29 14.81
C CYS B 175 -18.51 -8.17 13.97
N THR B 176 -17.95 -8.86 13.00
CA THR B 176 -18.73 -9.82 12.20
C THR B 176 -18.61 -11.22 12.85
N LEU B 177 -17.70 -11.37 13.81
CA LEU B 177 -17.47 -12.64 14.50
C LEU B 177 -18.61 -12.96 15.48
N PRO B 178 -18.87 -14.26 15.71
CA PRO B 178 -19.97 -14.71 16.60
C PRO B 178 -19.70 -14.41 18.09
N ASN B 179 -18.43 -14.32 18.48
CA ASN B 179 -18.08 -14.17 19.88
C ASN B 179 -18.18 -12.74 20.42
N ILE B 180 -19.12 -11.95 19.89
CA ILE B 180 -19.25 -10.53 20.23
C ILE B 180 -20.71 -10.12 20.44
N SER B 181 -21.01 -9.50 21.57
CA SER B 181 -22.38 -9.03 21.85
C SER B 181 -22.69 -7.75 21.09
N ASN B 182 -23.97 -7.49 20.90
CA ASN B 182 -24.42 -6.28 20.22
C ASN B 182 -23.97 -5.00 20.93
N GLU B 183 -23.85 -5.08 22.25
CA GLU B 183 -23.45 -3.93 23.05
C GLU B 183 -21.99 -3.58 22.79
N GLU B 184 -21.13 -4.59 22.79
CA GLU B 184 -19.74 -4.38 22.48
C GLU B 184 -19.58 -3.87 21.05
N LYS B 185 -20.47 -4.33 20.17
CA LYS B 185 -20.43 -3.91 18.77
C LYS B 185 -20.66 -2.41 18.65
N LYS B 186 -21.71 -1.90 19.30
CA LYS B 186 -22.00 -0.48 19.27
C LYS B 186 -20.83 0.35 19.83
N LYS B 187 -20.11 -0.19 20.80
CA LYS B 187 -18.97 0.50 21.38
C LYS B 187 -17.76 0.49 20.45
N MET B 188 -17.50 -0.65 19.82
CA MET B 188 -16.34 -0.77 18.94
C MET B 188 -16.56 -0.08 17.59
N LEU B 189 -17.81 0.09 17.19
CA LEU B 189 -18.08 0.63 15.87
C LEU B 189 -18.41 2.12 15.94
N HIS B 190 -18.00 2.76 17.03
CA HIS B 190 -18.11 4.20 17.15
C HIS B 190 -16.80 4.84 16.72
N VAL B 191 -16.86 5.63 15.67
CA VAL B 191 -15.70 6.36 15.19
C VAL B 191 -15.79 7.79 15.71
N ALA B 192 -14.78 8.22 16.42
CA ALA B 192 -14.74 9.58 16.93
C ALA B 192 -13.63 10.33 16.21
N VAL B 193 -13.99 11.49 15.66
CA VAL B 193 -13.02 12.36 15.02
C VAL B 193 -12.93 13.65 15.83
N VAL B 194 -11.72 13.98 16.28
CA VAL B 194 -11.50 15.18 17.07
C VAL B 194 -10.99 16.34 16.21
N GLY B 195 -11.80 17.36 16.02
CA GLY B 195 -11.39 18.53 15.28
C GLY B 195 -12.40 18.90 14.22
N GLY B 196 -12.91 20.13 14.29
CA GLY B 196 -13.94 20.60 13.38
C GLY B 196 -13.44 21.43 12.22
N GLY B 197 -12.12 21.48 12.02
CA GLY B 197 -11.54 22.11 10.85
C GLY B 197 -11.71 21.20 9.63
N PRO B 198 -11.22 21.65 8.48
CA PRO B 198 -11.44 20.96 7.19
C PRO B 198 -11.00 19.49 7.20
N THR B 199 -9.90 19.18 7.88
CA THR B 199 -9.42 17.81 7.93
C THR B 199 -10.36 16.89 8.74
N GLY B 200 -10.70 17.27 9.97
CA GLY B 200 -11.67 16.50 10.74
C GLY B 200 -13.00 16.35 10.01
N VAL B 201 -13.45 17.41 9.37
CA VAL B 201 -14.71 17.38 8.66
C VAL B 201 -14.67 16.45 7.44
N GLU B 202 -13.58 16.53 6.67
CA GLU B 202 -13.44 15.71 5.47
C GLU B 202 -13.22 14.22 5.78
N VAL B 203 -12.43 13.93 6.81
CA VAL B 203 -12.24 12.55 7.27
C VAL B 203 -13.58 11.96 7.72
N THR B 204 -14.35 12.74 8.45
CA THR B 204 -15.68 12.35 8.90
C THR B 204 -16.62 12.10 7.72
N ALA B 205 -16.60 13.01 6.76
CA ALA B 205 -17.41 12.91 5.55
C ALA B 205 -17.04 11.68 4.72
N GLU B 206 -15.75 11.42 4.57
CA GLU B 206 -15.29 10.28 3.79
C GLU B 206 -15.71 8.96 4.45
N PHE B 207 -15.54 8.86 5.77
CA PHE B 207 -16.08 7.71 6.48
C PHE B 207 -17.60 7.56 6.37
N ALA B 208 -18.33 8.67 6.42
CA ALA B 208 -19.78 8.58 6.25
C ALA B 208 -20.12 8.01 4.86
N ASP B 209 -19.47 8.50 3.81
CA ASP B 209 -19.71 7.99 2.46
C ASP B 209 -19.41 6.48 2.38
N PHE B 210 -18.25 6.10 2.90
CA PHE B 210 -17.80 4.73 2.87
C PHE B 210 -18.79 3.84 3.63
N ILE B 211 -19.16 4.29 4.82
CA ILE B 211 -20.12 3.57 5.65
C ILE B 211 -21.49 3.41 4.96
N ASN B 212 -21.98 4.49 4.37
CA ASN B 212 -23.29 4.48 3.72
C ASN B 212 -23.35 3.74 2.41
N LYS B 213 -22.19 3.41 1.85
CA LYS B 213 -22.18 2.77 0.54
C LYS B 213 -21.57 1.36 0.61
N GLU B 214 -20.25 1.26 0.53
CA GLU B 214 -19.63 -0.06 0.44
C GLU B 214 -19.85 -0.86 1.71
N VAL B 215 -19.76 -0.20 2.86
CA VAL B 215 -19.90 -0.90 4.13
C VAL B 215 -21.33 -1.38 4.32
N LYS B 216 -22.31 -0.53 4.00
CA LYS B 216 -23.72 -0.88 4.11
C LYS B 216 -24.07 -2.11 3.26
N ILE B 217 -23.49 -2.17 2.07
CA ILE B 217 -23.66 -3.31 1.18
C ILE B 217 -22.96 -4.58 1.69
N ASN B 218 -21.73 -4.43 2.18
CA ASN B 218 -20.94 -5.62 2.52
C ASN B 218 -21.05 -6.07 3.98
N TYR B 219 -21.64 -5.25 4.83
CA TYR B 219 -21.72 -5.58 6.25
C TYR B 219 -23.10 -5.26 6.78
N LYS B 220 -24.12 -5.70 6.04
CA LYS B 220 -25.50 -5.29 6.31
C LYS B 220 -25.99 -5.59 7.74
N ASP B 221 -25.48 -6.68 8.33
CA ASP B 221 -25.93 -7.07 9.66
C ASP B 221 -25.29 -6.26 10.79
N ILE B 222 -24.29 -5.43 10.52
CA ILE B 222 -23.74 -4.57 11.58
C ILE B 222 -23.80 -3.09 11.22
N PHE B 223 -24.46 -2.77 10.11
CA PHE B 223 -24.48 -1.41 9.61
C PHE B 223 -25.16 -0.49 10.62
N ASN B 224 -26.24 -0.99 11.23
CA ASN B 224 -27.01 -0.22 12.19
C ASN B 224 -26.26 0.05 13.49
N PHE B 225 -25.19 -0.70 13.76
CA PHE B 225 -24.42 -0.47 14.98
C PHE B 225 -23.30 0.55 14.83
N ILE B 226 -23.08 1.04 13.62
CA ILE B 226 -21.97 1.96 13.37
C ILE B 226 -22.39 3.40 13.66
N SER B 227 -21.52 4.16 14.31
CA SER B 227 -21.76 5.60 14.46
C SER B 227 -20.48 6.40 14.30
N ILE B 228 -20.65 7.67 13.95
CA ILE B 228 -19.54 8.60 13.84
C ILE B 228 -19.83 9.85 14.63
N SER B 229 -18.86 10.31 15.42
CA SER B 229 -19.01 11.59 16.09
C SER B 229 -17.89 12.49 15.62
N ILE B 230 -18.17 13.77 15.44
CA ILE B 230 -17.10 14.76 15.27
C ILE B 230 -17.14 15.74 16.44
N ILE B 231 -15.98 15.97 17.03
CA ILE B 231 -15.88 16.76 18.24
C ILE B 231 -15.12 18.02 17.97
N GLU B 232 -15.69 19.17 18.37
CA GLU B 232 -15.10 20.46 18.08
C GLU B 232 -15.33 21.48 19.22
N GLY B 233 -14.25 22.11 19.70
CA GLY B 233 -14.34 23.11 20.75
C GLY B 233 -15.34 24.25 20.50
N GLY B 234 -15.27 24.87 19.32
CA GLY B 234 -16.16 25.98 19.01
C GLY B 234 -17.54 25.54 18.59
N ASN B 235 -18.38 26.52 18.30
CA ASN B 235 -19.77 26.24 17.92
C ASN B 235 -19.90 25.78 16.47
N ASN B 236 -18.87 26.07 15.67
CA ASN B 236 -18.97 25.87 14.22
C ASN B 236 -18.02 24.80 13.68
N LEU B 237 -18.54 23.95 12.79
CA LEU B 237 -17.68 23.15 11.92
C LEU B 237 -17.16 24.09 10.82
N LEU B 238 -15.93 23.87 10.36
CA LEU B 238 -15.30 24.79 9.39
C LEU B 238 -15.41 26.26 9.85
N PRO B 239 -14.86 26.56 11.05
CA PRO B 239 -14.97 27.89 11.63
C PRO B 239 -14.30 29.01 10.81
N THR B 240 -13.34 28.69 9.94
CA THR B 240 -12.66 29.73 9.16
C THR B 240 -13.37 30.03 7.85
N PHE B 241 -14.40 29.23 7.54
CA PHE B 241 -15.24 29.44 6.37
C PHE B 241 -16.36 30.41 6.78
N THR B 242 -17.28 30.71 5.86
CA THR B 242 -18.39 31.57 6.21
C THR B 242 -19.41 30.85 7.10
N GLN B 243 -20.30 31.64 7.70
CA GLN B 243 -21.26 31.10 8.65
C GLN B 243 -22.29 30.25 7.93
N ASN B 244 -22.68 30.67 6.72
CA ASN B 244 -23.58 29.86 5.90
C ASN B 244 -22.97 28.48 5.61
N ILE B 245 -21.67 28.46 5.38
CA ILE B 245 -21.02 27.18 5.04
C ILE B 245 -20.95 26.29 6.29
N SER B 246 -20.63 26.90 7.43
CA SER B 246 -20.63 26.20 8.70
C SER B 246 -22.01 25.63 9.01
N ASP B 247 -23.04 26.43 8.80
CA ASP B 247 -24.41 25.99 9.08
C ASP B 247 -24.79 24.86 8.14
N PHE B 248 -24.48 25.02 6.87
CA PHE B 248 -24.80 23.99 5.88
C PHE B 248 -24.01 22.69 6.14
N THR B 249 -22.77 22.81 6.61
CA THR B 249 -21.98 21.62 6.94
C THR B 249 -22.62 20.83 8.11
N LYS B 250 -23.02 21.54 9.16
CA LYS B 250 -23.68 20.92 10.32
C LYS B 250 -25.00 20.25 9.95
N GLU B 251 -25.79 20.91 9.09
CA GLU B 251 -27.04 20.32 8.60
C GLU B 251 -26.80 19.08 7.77
N ASN B 252 -25.79 19.13 6.91
CA ASN B 252 -25.52 17.99 6.04
C ASN B 252 -25.07 16.81 6.93
N PHE B 253 -24.31 17.10 7.99
CA PHE B 253 -23.84 16.08 8.92
C PHE B 253 -25.01 15.49 9.70
N HIS B 254 -25.89 16.35 10.21
CA HIS B 254 -27.16 15.89 10.82
C HIS B 254 -27.92 14.98 9.88
N ASN B 255 -28.14 15.42 8.65
CA ASN B 255 -28.87 14.63 7.66
C ASN B 255 -28.20 13.28 7.39
N LEU B 256 -26.91 13.20 7.68
CA LEU B 256 -26.17 11.96 7.49
C LEU B 256 -26.15 11.14 8.77
N ASN B 257 -26.76 11.68 9.83
CA ASN B 257 -26.80 11.02 11.13
C ASN B 257 -25.43 10.92 11.79
N ILE B 258 -24.55 11.85 11.44
CA ILE B 258 -23.30 12.06 12.16
C ILE B 258 -23.58 12.84 13.45
N ASN B 259 -22.99 12.40 14.56
CA ASN B 259 -23.10 13.14 15.81
C ASN B 259 -22.19 14.34 15.84
N VAL B 260 -22.77 15.52 15.78
CA VAL B 260 -21.97 16.73 15.79
C VAL B 260 -21.83 17.25 17.22
N LEU B 261 -20.64 17.05 17.77
CA LEU B 261 -20.34 17.47 19.12
C LEU B 261 -19.55 18.77 19.10
N THR B 262 -20.12 19.77 18.44
CA THR B 262 -19.62 21.13 18.57
C THR B 262 -19.76 21.59 20.02
N ASN B 263 -18.97 22.60 20.40
CA ASN B 263 -18.93 23.08 21.77
C ASN B 263 -18.52 21.99 22.76
N TYR B 264 -17.61 21.12 22.34
CA TYR B 264 -16.99 20.13 23.23
C TYR B 264 -15.54 19.94 22.87
N TYR B 265 -14.71 19.65 23.86
CA TYR B 265 -13.34 19.30 23.55
C TYR B 265 -12.88 18.14 24.44
N VAL B 266 -11.83 17.45 24.00
CA VAL B 266 -11.39 16.23 24.67
C VAL B 266 -10.48 16.60 25.83
N ILE B 267 -10.67 15.95 26.98
CA ILE B 267 -9.86 16.24 28.16
C ILE B 267 -9.10 15.02 28.64
N ASP B 268 -9.49 13.84 28.16
CA ASP B 268 -8.81 12.59 28.55
C ASP B 268 -9.11 11.44 27.59
N VAL B 269 -8.10 10.60 27.33
CA VAL B 269 -8.29 9.42 26.49
C VAL B 269 -7.77 8.14 27.16
N ASP B 270 -8.64 7.15 27.25
CA ASP B 270 -8.28 5.81 27.73
C ASP B 270 -8.46 4.80 26.58
N LYS B 271 -8.20 3.53 26.86
CA LYS B 271 -8.15 2.52 25.80
C LYS B 271 -9.47 2.31 25.08
N HIS B 272 -10.58 2.31 25.80
CA HIS B 272 -11.88 2.04 25.20
C HIS B 272 -12.90 3.16 25.39
N SER B 273 -12.48 4.24 26.02
CA SER B 273 -13.35 5.40 26.15
C SER B 273 -12.54 6.68 26.29
N PHE B 274 -13.18 7.81 26.03
CA PHE B 274 -12.55 9.10 26.25
C PHE B 274 -13.55 10.04 26.90
N HIS B 275 -13.05 11.15 27.45
CA HIS B 275 -13.91 12.10 28.13
C HIS B 275 -13.88 13.42 27.39
N ILE B 276 -15.05 14.03 27.23
CA ILE B 276 -15.13 15.37 26.68
C ILE B 276 -15.78 16.33 27.67
N GLN B 277 -15.49 17.60 27.43
CA GLN B 277 -15.86 18.68 28.34
C GLN B 277 -16.64 19.75 27.59
N SER B 278 -17.84 20.10 28.05
CA SER B 278 -18.60 21.16 27.40
C SER B 278 -17.86 22.51 27.43
N SER B 279 -17.85 23.20 26.29
CA SER B 279 -17.24 24.53 26.18
C SER B 279 -18.15 25.59 26.77
N LEU B 280 -19.41 25.21 26.98
CA LEU B 280 -20.46 26.11 27.40
C LEU B 280 -20.76 26.01 28.90
N ASN B 281 -20.48 24.86 29.49
CA ASN B 281 -20.68 24.64 30.93
C ASN B 281 -19.54 23.78 31.46
N LYS B 282 -18.65 24.39 32.24
CA LYS B 282 -17.44 23.70 32.70
C LYS B 282 -17.74 22.47 33.57
N ASN B 283 -18.96 22.39 34.09
CA ASN B 283 -19.32 21.27 34.95
C ASN B 283 -19.86 20.06 34.19
N GLU B 284 -20.18 20.23 32.90
CA GLU B 284 -20.74 19.14 32.12
C GLU B 284 -19.66 18.34 31.40
N LYS B 285 -19.58 17.06 31.74
CA LYS B 285 -18.66 16.16 31.08
C LYS B 285 -19.42 14.94 30.56
N LYS B 286 -18.84 14.29 29.55
CA LYS B 286 -19.42 13.06 28.99
C LYS B 286 -18.30 12.05 28.78
N LYS B 287 -18.58 10.80 29.12
CA LYS B 287 -17.69 9.68 28.82
C LYS B 287 -18.26 8.98 27.60
N LEU B 288 -17.44 8.75 26.59
CA LEU B 288 -17.91 8.10 25.37
C LEU B 288 -17.07 6.88 25.07
N SER B 289 -17.73 5.76 24.78
CA SER B 289 -17.04 4.58 24.28
C SER B 289 -16.70 4.80 22.82
N TYR B 290 -15.67 4.10 22.35
CA TYR B 290 -15.23 4.24 20.96
C TYR B 290 -14.40 3.06 20.54
N GLY B 291 -14.40 2.80 19.23
CA GLY B 291 -13.50 1.83 18.64
C GLY B 291 -12.32 2.47 17.92
N LEU B 292 -12.54 3.61 17.27
CA LEU B 292 -11.49 4.29 16.51
C LEU B 292 -11.50 5.78 16.80
N LEU B 293 -10.40 6.30 17.30
CA LEU B 293 -10.31 7.73 17.63
C LEU B 293 -9.33 8.42 16.70
N ILE B 294 -9.82 9.38 15.93
CA ILE B 294 -8.98 10.08 14.96
C ILE B 294 -8.70 11.51 15.43
N TRP B 295 -7.42 11.83 15.58
CA TRP B 295 -7.00 13.12 16.10
C TRP B 295 -6.63 14.06 14.95
N ALA B 296 -7.53 14.98 14.61
CA ALA B 296 -7.34 15.82 13.43
C ALA B 296 -7.20 17.29 13.79
N SER B 297 -6.52 17.59 14.87
CA SER B 297 -6.38 18.99 15.22
C SER B 297 -5.07 19.27 15.91
N GLY B 298 -4.52 20.44 15.63
CA GLY B 298 -3.38 20.93 16.38
C GLY B 298 -2.03 20.77 15.70
N LEU B 299 -1.25 21.84 15.77
CA LEU B 299 0.13 21.85 15.31
C LEU B 299 1.08 22.09 16.47
N ALA B 300 2.22 21.40 16.47
CA ALA B 300 3.28 21.69 17.44
C ALA B 300 4.62 21.77 16.71
N GLN B 301 5.63 22.35 17.35
CA GLN B 301 6.94 22.49 16.71
C GLN B 301 7.73 21.20 16.73
N THR B 302 8.48 20.96 15.67
CA THR B 302 9.41 19.84 15.62
C THR B 302 10.50 20.03 16.67
N THR B 303 11.09 18.93 17.13
CA THR B 303 12.19 19.02 18.10
C THR B 303 13.39 19.76 17.52
N LEU B 304 13.64 19.60 16.23
CA LEU B 304 14.72 20.36 15.57
C LEU B 304 14.57 21.87 15.74
N ILE B 305 13.36 22.36 15.58
CA ILE B 305 13.13 23.80 15.66
C ILE B 305 13.25 24.27 17.12
N GLN B 306 12.71 23.50 18.06
CA GLN B 306 12.86 23.78 19.48
C GLN B 306 14.30 23.91 19.88
N LYS B 307 15.14 23.00 19.39
CA LYS B 307 16.55 23.01 19.71
C LYS B 307 17.28 24.16 19.01
N PHE B 308 16.97 24.35 17.74
CA PHE B 308 17.55 25.45 16.99
C PHE B 308 17.26 26.80 17.67
N LEU B 309 16.03 26.95 18.15
CA LEU B 309 15.61 28.19 18.80
C LEU B 309 16.51 28.57 19.97
N LYS B 310 16.76 27.61 20.86
CA LYS B 310 17.56 27.81 22.07
C LYS B 310 18.99 28.26 21.77
N THR B 311 19.41 28.02 20.53
CA THR B 311 20.74 28.35 20.04
C THR B 311 20.84 29.82 19.58
N ILE B 312 19.69 30.45 19.40
CA ILE B 312 19.67 31.84 18.90
C ILE B 312 19.29 32.79 20.05
N PRO B 313 20.27 33.57 20.55
CA PRO B 313 20.09 34.50 21.67
C PRO B 313 18.77 35.27 21.58
N VAL B 314 18.67 36.08 20.53
CA VAL B 314 17.48 36.86 20.22
C VAL B 314 16.19 36.03 20.21
N GLN B 315 16.26 34.74 19.89
CA GLN B 315 15.04 33.93 19.81
C GLN B 315 14.92 32.86 20.88
N ALA B 316 15.80 32.88 21.89
CA ALA B 316 15.99 31.73 22.77
C ALA B 316 14.75 31.29 23.53
N ASN B 317 13.85 32.22 23.79
CA ASN B 317 12.63 31.89 24.53
C ASN B 317 11.39 31.90 23.65
N ASN B 318 11.59 31.94 22.34
CA ASN B 318 10.46 31.90 21.41
C ASN B 318 9.82 30.53 21.34
N ALA B 319 8.53 30.49 21.05
CA ALA B 319 7.82 29.23 20.85
C ALA B 319 7.69 28.93 19.37
N ILE B 320 8.08 29.89 18.53
CA ILE B 320 8.08 29.62 17.10
C ILE B 320 9.23 30.38 16.47
N LEU B 321 9.74 29.84 15.37
CA LEU B 321 10.85 30.43 14.66
C LEU B 321 10.41 31.66 13.87
N LYS B 322 11.01 32.81 14.15
CA LYS B 322 10.67 34.06 13.46
C LYS B 322 11.58 34.37 12.29
N VAL B 323 11.00 34.80 11.18
CA VAL B 323 11.78 35.25 10.04
C VAL B 323 11.42 36.68 9.69
N ASP B 324 12.34 37.31 8.96
CA ASP B 324 12.19 38.51 8.15
C ASP B 324 10.98 38.62 7.26
N GLU B 325 10.68 39.84 6.79
CA GLU B 325 9.73 40.02 5.69
C GLU B 325 10.27 39.42 4.38
N LYS B 326 11.55 39.07 4.37
CA LYS B 326 12.13 38.41 3.23
C LYS B 326 12.40 36.94 3.53
N LEU B 327 11.87 36.47 4.66
CA LEU B 327 11.90 35.08 5.10
C LEU B 327 13.29 34.65 5.59
N ARG B 328 14.14 35.61 5.93
CA ARG B 328 15.41 35.29 6.61
C ARG B 328 15.21 35.09 8.10
N VAL B 329 15.73 33.98 8.63
CA VAL B 329 15.68 33.74 10.06
C VAL B 329 16.39 34.89 10.80
N ILE B 330 15.72 35.41 11.81
CA ILE B 330 16.18 36.57 12.56
C ILE B 330 17.21 36.19 13.62
N GLY B 331 18.31 36.94 13.66
CA GLY B 331 19.35 36.70 14.66
C GLY B 331 20.53 35.90 14.12
N ILE B 332 20.64 35.81 12.79
CA ILE B 332 21.71 35.05 12.17
C ILE B 332 22.60 36.03 11.42
N PRO B 333 23.79 36.32 11.97
CA PRO B 333 24.67 37.37 11.42
C PRO B 333 24.91 37.22 9.93
N SER B 334 24.96 35.98 9.44
CA SER B 334 25.26 35.75 8.02
C SER B 334 24.07 35.93 7.07
N ASN B 335 22.85 36.11 7.61
CA ASN B 335 21.63 36.21 6.77
C ASN B 335 21.50 35.14 5.69
N ASN B 336 21.94 33.93 6.01
CA ASN B 336 21.99 32.87 5.01
C ASN B 336 21.10 31.69 5.39
N ILE B 337 20.32 31.83 6.46
CA ILE B 337 19.33 30.81 6.78
C ILE B 337 17.91 31.36 6.56
N TYR B 338 17.16 30.69 5.69
CA TYR B 338 15.75 31.01 5.44
C TYR B 338 14.82 29.96 6.07
N ALA B 339 13.54 30.30 6.20
CA ALA B 339 12.54 29.34 6.68
C ALA B 339 11.20 29.65 6.03
N ILE B 340 10.50 28.61 5.59
CA ILE B 340 9.21 28.79 4.93
C ILE B 340 8.21 27.76 5.46
N GLY B 341 6.92 27.96 5.20
CA GLY B 341 5.93 26.99 5.59
C GLY B 341 5.52 27.04 7.05
N ASP B 342 5.06 25.90 7.55
CA ASP B 342 4.45 25.82 8.88
C ASP B 342 5.42 26.00 10.04
N CYS B 343 6.72 25.85 9.81
CA CYS B 343 7.67 25.92 10.94
C CYS B 343 7.97 27.35 11.37
N LYS B 344 7.43 28.34 10.66
CA LYS B 344 7.83 29.71 10.97
C LYS B 344 6.70 30.75 10.99
N LYS B 345 7.02 31.92 11.55
CA LYS B 345 6.12 33.07 11.54
C LYS B 345 6.94 34.27 11.06
N ILE B 346 6.33 35.14 10.27
CA ILE B 346 6.99 36.36 9.80
C ILE B 346 6.84 37.53 10.78
N GLN B 347 7.97 38.16 11.08
CA GLN B 347 8.02 39.37 11.91
C GLN B 347 8.64 40.45 11.04
N PRO B 348 7.80 41.23 10.37
CA PRO B 348 8.32 42.14 9.34
C PRO B 348 9.03 43.34 9.92
N LYS B 349 9.84 44.00 9.09
CA LYS B 349 10.44 45.28 9.44
C LYS B 349 9.33 46.24 9.91
N LEU B 350 9.58 46.97 11.00
CA LEU B 350 8.55 47.78 11.64
C LEU B 350 8.40 49.17 11.01
N LEU B 351 7.20 49.44 10.50
CA LEU B 351 6.79 50.76 10.00
C LEU B 351 7.22 51.89 10.94
N HIS B 352 6.95 51.69 12.22
CA HIS B 352 7.06 52.79 13.16
C HIS B 352 8.50 53.01 13.61
N GLU B 353 9.40 52.13 13.20
CA GLU B 353 10.82 52.40 13.37
C GLU B 353 11.38 53.16 12.19
N HIS B 354 10.51 53.55 11.25
CA HIS B 354 10.96 54.22 10.02
C HIS B 354 10.03 55.38 9.64
N THR B 355 9.35 55.94 10.63
CA THR B 355 8.35 56.99 10.43
C THR B 355 8.82 58.17 9.57
N ASN B 356 9.90 58.82 10.00
CA ASN B 356 10.44 59.98 9.30
C ASN B 356 10.70 59.72 7.81
N GLU B 357 11.26 58.55 7.53
CA GLU B 357 11.53 58.14 6.16
C GLU B 357 10.24 57.97 5.39
N ILE B 358 9.27 57.28 5.99
CA ILE B 358 7.98 57.12 5.34
C ILE B 358 7.33 58.48 5.11
N ILE B 359 7.40 59.34 6.12
CA ILE B 359 6.89 60.70 5.99
C ILE B 359 7.53 61.37 4.79
N LYS B 360 8.85 61.21 4.67
CA LYS B 360 9.62 61.81 3.57
C LYS B 360 9.14 61.34 2.19
N ILE B 361 8.82 60.05 2.05
CA ILE B 361 8.50 59.54 0.71
C ILE B 361 7.17 60.10 0.18
N LEU B 362 6.29 60.52 1.08
CA LEU B 362 5.10 61.26 0.68
C LEU B 362 5.18 62.69 1.25
N THR B 363 5.69 63.62 0.45
CA THR B 363 5.92 64.98 0.95
C THR B 363 4.74 65.94 0.72
N GLY B 364 4.33 66.08 -0.54
CA GLY B 364 3.28 67.02 -0.91
C GLY B 364 2.02 66.83 -0.08
N ASN B 365 1.55 65.60 0.02
CA ASN B 365 0.33 65.29 0.75
C ASN B 365 0.46 65.53 2.26
N LYS B 366 -0.61 66.00 2.90
CA LYS B 366 -0.64 66.06 4.36
C LYS B 366 -0.64 64.64 4.93
N LEU B 367 -0.25 64.49 6.18
CA LEU B 367 -0.14 63.15 6.77
C LEU B 367 -1.50 62.50 7.03
N THR B 368 -2.10 61.93 5.97
CA THR B 368 -3.36 61.19 6.10
C THR B 368 -3.20 59.71 5.77
N SER B 369 -4.18 58.91 6.21
CA SER B 369 -4.18 57.50 5.90
C SER B 369 -4.26 57.32 4.40
N GLU B 370 -5.00 58.21 3.74
CA GLU B 370 -5.15 58.16 2.29
C GLU B 370 -3.84 58.46 1.60
N ALA B 371 -3.05 59.36 2.18
CA ALA B 371 -1.74 59.69 1.64
C ALA B 371 -0.86 58.44 1.68
N LEU B 372 -0.95 57.71 2.78
CA LEU B 372 -0.24 56.45 2.94
C LEU B 372 -0.70 55.42 1.91
N LYS B 373 -2.01 55.25 1.76
CA LYS B 373 -2.54 54.27 0.82
C LYS B 373 -2.16 54.60 -0.61
N LEU B 374 -1.96 55.88 -0.88
CA LEU B 374 -1.59 56.33 -2.23
C LEU B 374 -0.23 55.79 -2.65
N LYS B 375 0.63 55.51 -1.67
CA LYS B 375 1.96 54.95 -1.93
C LYS B 375 2.05 53.47 -1.55
N GLN B 376 0.90 52.85 -1.31
CA GLN B 376 0.83 51.47 -0.84
C GLN B 376 1.62 50.54 -1.76
N SER B 377 1.48 50.72 -3.07
CA SER B 377 2.21 49.91 -4.05
C SER B 377 3.73 49.89 -3.88
N GLU B 378 4.34 51.05 -3.66
CA GLU B 378 5.79 51.13 -3.49
C GLU B 378 6.23 50.64 -2.11
N LEU B 379 5.58 51.15 -1.07
CA LEU B 379 5.93 50.83 0.31
C LEU B 379 5.71 49.35 0.65
N THR B 380 4.80 48.72 -0.07
CA THR B 380 4.46 47.32 0.17
C THR B 380 5.61 46.38 -0.21
N LYS B 381 6.47 46.84 -1.11
CA LYS B 381 7.65 46.08 -1.49
C LYS B 381 8.58 45.92 -0.30
N THR B 382 8.55 46.85 0.66
CA THR B 382 9.37 46.61 1.83
C THR B 382 8.56 46.31 3.11
N PHE B 383 7.33 46.83 3.23
CA PHE B 383 6.52 46.51 4.40
C PHE B 383 5.25 45.75 4.00
N PRO B 384 5.22 44.43 4.23
CA PRO B 384 4.04 43.64 3.86
C PRO B 384 2.79 44.07 4.60
N GLN B 385 2.94 44.55 5.82
CA GLN B 385 1.81 44.87 6.67
C GLN B 385 1.00 46.06 6.12
N LEU B 386 1.54 46.74 5.11
CA LEU B 386 0.83 47.82 4.43
C LEU B 386 -0.07 47.35 3.30
N SER B 387 0.04 46.08 2.91
CA SER B 387 -0.82 45.53 1.86
C SER B 387 -2.30 45.74 2.20
N ILE B 388 -3.11 46.01 1.18
CA ILE B 388 -4.55 46.13 1.38
C ILE B 388 -5.17 44.80 1.83
N SER B 389 -4.43 43.70 1.65
CA SER B 389 -4.85 42.41 2.15
C SER B 389 -4.50 42.24 3.62
N LYS B 390 -3.73 43.17 4.18
CA LYS B 390 -3.28 43.03 5.56
C LYS B 390 -3.83 44.13 6.46
N TRP B 391 -4.11 45.28 5.86
CA TRP B 391 -4.61 46.44 6.58
C TRP B 391 -5.81 46.99 5.85
N ASP B 392 -6.89 47.19 6.58
CA ASP B 392 -8.11 47.77 6.03
C ASP B 392 -8.07 49.30 6.12
N TYR B 393 -7.78 49.95 5.00
CA TYR B 393 -7.72 51.40 4.96
C TYR B 393 -9.08 52.10 5.01
N GLU B 394 -10.15 51.40 4.62
CA GLU B 394 -11.49 52.01 4.71
C GLU B 394 -11.90 52.15 6.16
N LYS B 395 -11.81 51.03 6.88
CA LYS B 395 -12.22 50.99 8.28
C LYS B 395 -11.27 51.71 9.21
N ASN B 396 -10.07 52.05 8.73
CA ASN B 396 -9.09 52.70 9.60
C ASN B 396 -8.67 54.03 9.03
N LYS B 397 -9.59 54.63 8.29
CA LYS B 397 -9.36 55.92 7.67
C LYS B 397 -9.02 56.93 8.76
N LYS B 398 -8.05 57.78 8.46
CA LYS B 398 -7.50 58.68 9.45
C LYS B 398 -7.26 60.02 8.77
N GLY B 399 -7.66 61.11 9.44
CA GLY B 399 -7.48 62.44 8.89
C GLY B 399 -6.03 62.89 9.00
N GLU B 400 -5.78 64.17 8.73
CA GLU B 400 -4.43 64.70 8.85
C GLU B 400 -3.90 64.48 10.25
N MET B 401 -2.67 63.98 10.33
CA MET B 401 -2.05 63.64 11.61
C MET B 401 -0.79 64.43 11.84
N THR B 402 -0.39 64.56 13.10
CA THR B 402 0.93 65.08 13.40
C THR B 402 1.91 63.93 13.22
N PRO B 403 3.22 64.25 13.05
CA PRO B 403 4.25 63.22 12.96
C PRO B 403 4.11 62.14 14.03
N GLN B 404 3.99 62.56 15.28
CA GLN B 404 3.82 61.64 16.39
C GLN B 404 2.55 60.79 16.25
N GLN B 405 1.49 61.39 15.75
CA GLN B 405 0.24 60.66 15.60
C GLN B 405 0.40 59.62 14.49
N PHE B 406 1.07 60.02 13.43
CA PHE B 406 1.33 59.14 12.29
C PHE B 406 2.20 57.95 12.71
N HIS B 407 3.12 58.20 13.63
CA HIS B 407 3.96 57.17 14.20
C HIS B 407 3.10 56.14 14.93
N ASP B 408 2.12 56.61 15.70
CA ASP B 408 1.21 55.71 16.42
C ASP B 408 0.32 54.90 15.49
N TYR B 409 -0.10 55.51 14.39
CA TYR B 409 -0.89 54.86 13.37
C TYR B 409 -0.08 53.75 12.71
N LEU B 410 1.14 54.10 12.32
CA LEU B 410 2.10 53.15 11.76
C LEU B 410 2.25 51.97 12.70
N PHE B 411 2.46 52.28 13.98
CA PHE B 411 2.58 51.26 15.02
C PHE B 411 1.35 50.34 15.06
N GLU B 412 0.16 50.89 14.80
CA GLU B 412 -1.05 50.05 14.84
C GLU B 412 -1.08 49.10 13.64
N ILE B 413 -0.55 49.56 12.52
CA ILE B 413 -0.43 48.68 11.35
C ILE B 413 0.56 47.55 11.65
N ASP B 414 1.69 47.89 12.28
CA ASP B 414 2.68 46.89 12.66
C ASP B 414 2.04 45.84 13.54
N LYS B 415 1.36 46.28 14.60
CA LYS B 415 0.71 45.38 15.54
C LYS B 415 -0.39 44.53 14.90
N ASN B 416 -1.01 45.04 13.84
CA ASN B 416 -2.11 44.33 13.18
C ASN B 416 -1.62 43.21 12.26
N TYR B 417 -0.34 43.24 11.87
CA TYR B 417 0.19 42.29 10.88
C TYR B 417 -0.03 40.84 11.30
N LYS B 418 -0.62 40.07 10.40
CA LYS B 418 -0.80 38.63 10.63
C LYS B 418 0.10 37.85 9.70
N SER B 419 0.86 36.92 10.26
CA SER B 419 1.74 36.06 9.48
C SER B 419 0.93 35.17 8.53
N PRO B 420 1.53 34.69 7.42
CA PRO B 420 0.77 33.75 6.59
C PRO B 420 0.26 32.58 7.41
N THR B 421 -1.01 32.23 7.20
CA THR B 421 -1.62 31.10 7.87
C THR B 421 -0.86 29.81 7.49
N PRO B 422 -0.85 28.80 8.39
CA PRO B 422 -0.06 27.62 8.07
C PRO B 422 -0.79 26.71 7.07
N THR B 423 -0.65 27.03 5.78
CA THR B 423 -1.31 26.25 4.74
C THR B 423 -0.36 25.82 3.59
N ALA B 424 -0.80 24.86 2.81
CA ALA B 424 -0.06 24.42 1.63
C ALA B 424 0.03 25.55 0.64
N GLN B 425 -1.09 26.24 0.48
CA GLN B 425 -1.19 27.41 -0.37
C GLN B 425 -0.09 28.42 -0.07
N ASN B 426 0.06 28.76 1.20
CA ASN B 426 1.09 29.71 1.60
C ASN B 426 2.50 29.13 1.51
N ALA B 427 2.69 27.87 1.95
CA ALA B 427 4.00 27.24 1.84
C ALA B 427 4.44 27.18 0.36
N LYS B 428 3.50 26.87 -0.53
CA LYS B 428 3.81 26.84 -1.95
C LYS B 428 4.20 28.23 -2.48
N GLN B 429 3.42 29.25 -2.12
CA GLN B 429 3.71 30.60 -2.59
C GLN B 429 5.04 31.13 -2.03
N GLU B 430 5.33 30.81 -0.77
CA GLU B 430 6.62 31.17 -0.18
C GLU B 430 7.77 30.50 -0.92
N ALA B 431 7.58 29.24 -1.29
CA ALA B 431 8.60 28.49 -2.01
C ALA B 431 8.89 29.11 -3.37
N TYR B 432 7.85 29.53 -4.08
CA TYR B 432 8.02 30.08 -5.41
C TYR B 432 8.69 31.45 -5.31
N TYR B 433 8.27 32.22 -4.31
CA TYR B 433 8.85 33.53 -4.06
C TYR B 433 10.36 33.42 -3.77
N LEU B 434 10.70 32.54 -2.83
CA LEU B 434 12.06 32.48 -2.36
C LEU B 434 12.98 31.89 -3.42
N SER B 435 12.52 30.83 -4.09
CA SER B 435 13.33 30.24 -5.14
C SER B 435 13.54 31.26 -6.27
N ASN B 436 12.50 32.02 -6.61
CA ASN B 436 12.64 33.07 -7.62
C ASN B 436 13.61 34.19 -7.19
N VAL B 437 13.68 34.44 -5.88
CA VAL B 437 14.66 35.37 -5.35
C VAL B 437 16.08 34.86 -5.56
N PHE B 438 16.32 33.57 -5.31
CA PHE B 438 17.62 32.96 -5.57
C PHE B 438 17.95 32.93 -7.06
N ASN B 439 16.94 32.70 -7.90
CA ASN B 439 17.17 32.57 -9.33
C ASN B 439 17.47 33.90 -10.00
N ASN B 440 16.76 34.94 -9.58
CA ASN B 440 16.70 36.16 -10.37
C ASN B 440 17.10 37.42 -9.65
N PHE B 441 17.44 37.32 -8.38
CA PHE B 441 17.77 38.51 -7.61
C PHE B 441 19.14 38.39 -6.96
N ILE B 442 19.31 37.32 -6.19
CA ILE B 442 20.44 37.17 -5.26
C ILE B 442 21.84 37.50 -5.80
N HIS B 443 22.23 36.99 -6.97
CA HIS B 443 23.55 37.40 -7.48
C HIS B 443 23.44 38.09 -8.81
N THR B 444 22.62 39.15 -8.81
CA THR B 444 22.36 39.95 -9.99
C THR B 444 22.31 41.42 -9.59
N ASN B 445 22.11 42.29 -10.58
CA ASN B 445 22.04 43.73 -10.33
C ASN B 445 20.75 44.13 -9.61
N GLN B 446 19.86 43.15 -9.40
CA GLN B 446 18.60 43.39 -8.72
C GLN B 446 18.64 42.94 -7.25
N LYS B 447 19.84 42.67 -6.75
CA LYS B 447 20.02 42.10 -5.41
C LYS B 447 19.60 43.00 -4.25
N PHE B 448 19.36 44.28 -4.52
CA PHE B 448 18.94 45.23 -3.48
C PHE B 448 17.50 45.62 -3.70
N ASN B 449 16.90 45.06 -4.74
CA ASN B 449 15.49 45.26 -5.04
C ASN B 449 14.65 44.03 -4.72
N ILE B 450 14.99 43.28 -3.68
CA ILE B 450 14.19 42.10 -3.36
C ILE B 450 12.95 42.55 -2.62
N PRO B 451 11.77 42.30 -3.21
CA PRO B 451 10.52 42.67 -2.54
C PRO B 451 10.22 41.77 -1.34
N SER B 452 9.41 42.25 -0.42
CA SER B 452 9.02 41.45 0.73
C SER B 452 7.98 40.40 0.29
N PHE B 453 7.82 39.33 1.06
CA PHE B 453 6.83 38.32 0.68
C PHE B 453 5.42 38.75 1.08
N ILE B 454 4.48 38.72 0.15
CA ILE B 454 3.07 38.95 0.48
C ILE B 454 2.21 37.85 -0.17
N GLU B 455 1.54 37.05 0.65
CA GLU B 455 0.79 35.92 0.12
C GLU B 455 -0.52 36.42 -0.50
N LYS B 456 -1.06 35.64 -1.43
CA LYS B 456 -2.38 35.93 -1.98
C LYS B 456 -3.38 34.82 -1.63
N TRP B 457 -4.52 35.20 -1.04
CA TRP B 457 -5.54 34.21 -0.69
C TRP B 457 -6.28 33.75 -1.93
N LYS B 458 -6.33 32.44 -2.15
CA LYS B 458 -6.99 31.94 -3.34
C LYS B 458 -8.30 31.22 -2.99
N GLY B 459 -8.59 31.07 -1.71
CA GLY B 459 -9.81 30.42 -1.29
C GLY B 459 -9.58 29.00 -0.81
N SER B 460 -10.62 28.39 -0.26
CA SER B 460 -10.53 27.04 0.29
C SER B 460 -11.75 26.22 -0.10
N LEU B 461 -11.54 24.92 -0.20
CA LEU B 461 -12.57 23.93 -0.52
C LEU B 461 -12.63 22.90 0.58
N ALA B 462 -13.82 22.37 0.83
CA ALA B 462 -13.95 21.23 1.73
C ALA B 462 -15.02 20.30 1.22
N TYR B 463 -14.74 19.00 1.28
CA TYR B 463 -15.77 18.01 1.03
C TYR B 463 -16.51 17.64 2.32
N ILE B 464 -17.83 17.67 2.29
CA ILE B 464 -18.59 17.49 3.52
C ILE B 464 -19.58 16.32 3.46
N GLY B 465 -19.45 15.46 2.45
CA GLY B 465 -20.19 14.21 2.41
C GLY B 465 -21.39 14.19 1.45
N ASN B 466 -21.74 13.00 0.98
CA ASN B 466 -22.90 12.80 0.11
C ASN B 466 -22.85 13.72 -1.10
N HIS B 467 -21.67 13.77 -1.71
CA HIS B 467 -21.38 14.52 -2.93
C HIS B 467 -21.40 16.03 -2.76
N GLN B 468 -21.53 16.52 -1.52
CA GLN B 468 -21.61 17.96 -1.31
C GLN B 468 -20.24 18.59 -1.06
N VAL B 469 -19.88 19.55 -1.91
CA VAL B 469 -18.65 20.31 -1.73
C VAL B 469 -19.00 21.76 -1.39
N VAL B 470 -18.28 22.30 -0.42
CA VAL B 470 -18.33 23.73 -0.12
C VAL B 470 -17.02 24.43 -0.52
N ALA B 471 -17.13 25.70 -0.89
CA ALA B 471 -15.96 26.50 -1.23
C ALA B 471 -16.18 27.94 -0.79
N ASP B 472 -15.16 28.48 -0.15
CA ASP B 472 -15.14 29.85 0.31
C ASP B 472 -14.00 30.51 -0.45
N LEU B 473 -14.35 31.23 -1.50
CA LEU B 473 -13.40 31.79 -2.45
C LEU B 473 -13.47 33.31 -2.43
N PRO B 474 -12.42 33.98 -2.92
CA PRO B 474 -12.62 35.41 -3.17
C PRO B 474 -13.83 35.60 -4.09
N TYR B 475 -14.81 36.38 -3.67
CA TYR B 475 -15.95 36.77 -4.51
C TYR B 475 -17.03 35.71 -4.73
N TYR B 476 -16.86 34.49 -4.23
CA TYR B 476 -18.04 33.60 -4.17
C TYR B 476 -17.96 32.51 -3.13
N GLU B 477 -19.14 31.99 -2.76
CA GLU B 477 -19.27 30.80 -1.94
C GLU B 477 -20.00 29.72 -2.74
N LEU B 478 -19.58 28.48 -2.52
CA LEU B 478 -20.22 27.31 -3.10
C LEU B 478 -20.79 26.53 -1.94
N LYS B 479 -22.04 26.11 -2.03
CA LYS B 479 -22.67 25.41 -0.92
C LYS B 479 -23.39 24.15 -1.43
N GLY B 480 -22.60 23.17 -1.84
CA GLY B 480 -23.13 21.89 -2.29
C GLY B 480 -23.80 21.92 -3.65
N GLY B 481 -24.67 20.95 -3.92
CA GLY B 481 -25.35 20.88 -5.18
C GLY B 481 -24.68 19.99 -6.21
N ARG B 482 -25.44 19.66 -7.25
CA ARG B 482 -25.05 18.64 -8.22
C ARG B 482 -23.68 18.85 -8.85
N PHE B 483 -23.33 20.10 -9.12
CA PHE B 483 -22.04 20.40 -9.75
C PHE B 483 -20.94 20.80 -8.75
N SER B 484 -21.24 20.68 -7.47
CA SER B 484 -20.25 20.91 -6.42
C SER B 484 -18.99 20.06 -6.58
N SER B 485 -19.20 18.75 -6.75
CA SER B 485 -18.11 17.80 -6.85
C SER B 485 -17.33 17.99 -8.15
N THR B 486 -18.03 18.40 -9.21
CA THR B 486 -17.39 18.67 -10.49
C THR B 486 -16.38 19.81 -10.35
N PHE B 487 -16.78 20.84 -9.63
CA PHE B 487 -15.91 21.98 -9.37
C PHE B 487 -14.65 21.56 -8.58
N TRP B 488 -14.90 20.77 -7.53
CA TRP B 488 -13.83 20.23 -6.71
C TRP B 488 -12.79 19.50 -7.58
N LYS B 489 -13.28 18.65 -8.48
CA LYS B 489 -12.42 17.85 -9.33
C LYS B 489 -11.62 18.72 -10.31
N VAL B 490 -12.29 19.71 -10.90
CA VAL B 490 -11.64 20.63 -11.82
C VAL B 490 -10.56 21.43 -11.10
N VAL B 491 -10.86 21.84 -9.86
CA VAL B 491 -9.87 22.57 -9.09
C VAL B 491 -8.69 21.68 -8.77
N TYR B 492 -8.92 20.53 -8.15
CA TYR B 492 -7.80 19.75 -7.66
C TYR B 492 -6.95 19.12 -8.76
N ILE B 493 -7.54 18.78 -9.90
CA ILE B 493 -6.69 18.19 -10.93
C ILE B 493 -5.66 19.21 -11.45
N GLN B 494 -6.00 20.49 -11.40
CA GLN B 494 -5.05 21.52 -11.80
C GLN B 494 -4.01 21.81 -10.71
N LEU B 495 -4.34 21.49 -9.46
CA LEU B 495 -3.44 21.75 -8.35
C LEU B 495 -2.36 20.66 -8.20
N LEU B 496 -2.66 19.47 -8.68
CA LEU B 496 -1.71 18.35 -8.63
C LEU B 496 -0.43 18.74 -9.41
N LEU B 497 0.72 18.19 -9.00
CA LEU B 497 2.01 18.73 -9.47
C LEU B 497 2.67 17.90 -10.57
N SER B 498 2.00 16.86 -11.08
CA SER B 498 2.50 16.10 -12.21
C SER B 498 1.35 15.53 -13.04
N TRP B 499 1.64 15.24 -14.31
CA TRP B 499 0.71 14.54 -15.17
C TRP B 499 0.46 13.12 -14.64
N LYS B 500 1.48 12.52 -14.03
CA LYS B 500 1.32 11.20 -13.42
C LYS B 500 0.18 11.22 -12.38
N SER B 501 0.21 12.18 -11.47
CA SER B 501 -0.81 12.22 -10.41
C SER B 501 -2.19 12.54 -11.00
N ARG B 502 -2.21 13.33 -12.05
CA ARG B 502 -3.47 13.71 -12.70
C ARG B 502 -4.11 12.52 -13.36
N PHE B 503 -3.28 11.70 -14.00
CA PHE B 503 -3.72 10.44 -14.59
C PHE B 503 -4.37 9.57 -13.51
N HIS B 504 -3.65 9.38 -12.40
CA HIS B 504 -4.18 8.57 -11.30
C HIS B 504 -5.45 9.14 -10.66
N PHE B 505 -5.49 10.45 -10.54
CA PHE B 505 -6.66 11.18 -10.04
C PHE B 505 -7.90 10.83 -10.84
N PHE B 506 -7.77 11.00 -12.16
CA PHE B 506 -8.85 10.69 -13.09
C PHE B 506 -9.24 9.22 -13.00
N ILE B 507 -8.25 8.33 -13.06
CA ILE B 507 -8.52 6.89 -13.07
C ILE B 507 -9.15 6.42 -11.76
N ASP B 508 -8.66 6.94 -10.63
CA ASP B 508 -9.19 6.55 -9.33
C ASP B 508 -10.68 6.86 -9.17
N PHE B 509 -11.15 7.97 -9.73
CA PHE B 509 -12.57 8.23 -9.62
C PHE B 509 -13.38 7.30 -10.52
N ILE B 510 -12.87 6.97 -11.71
CA ILE B 510 -13.49 5.91 -12.52
C ILE B 510 -13.54 4.59 -11.77
N LYS B 511 -12.40 4.17 -11.21
CA LYS B 511 -12.36 2.93 -10.44
C LYS B 511 -13.39 2.96 -9.32
N THR B 512 -13.43 4.06 -8.57
CA THR B 512 -14.33 4.16 -7.44
C THR B 512 -15.79 4.18 -7.89
N LYS B 513 -16.08 4.84 -9.00
CA LYS B 513 -17.46 4.83 -9.50
C LYS B 513 -17.89 3.46 -10.03
N TRP B 514 -17.03 2.80 -10.80
CA TRP B 514 -17.41 1.54 -11.45
C TRP B 514 -17.33 0.34 -10.51
N TYR B 515 -16.32 0.29 -9.65
CA TYR B 515 -16.09 -0.91 -8.84
C TYR B 515 -16.19 -0.70 -7.33
N GLY B 516 -16.23 0.56 -6.87
CA GLY B 516 -16.37 0.81 -5.45
C GLY B 516 -15.02 0.91 -4.72
N ARG B 517 -15.07 1.32 -3.46
CA ARG B 517 -13.88 1.39 -2.63
C ARG B 517 -13.42 0.00 -2.20
N PRO B 518 -12.11 -0.24 -2.20
CA PRO B 518 -11.59 -1.58 -1.88
C PRO B 518 -11.59 -1.93 -0.38
N PHE B 519 -11.58 -3.22 -0.06
CA PHE B 519 -11.55 -3.68 1.33
C PHE B 519 -10.23 -4.37 1.70
N ILE B 520 -9.28 -4.42 0.76
CA ILE B 520 -7.98 -5.03 1.04
C ILE B 520 -7.28 -4.35 2.24
N LYS B 521 -6.92 -5.13 3.25
CA LYS B 521 -6.19 -4.60 4.42
C LYS B 521 -5.01 -5.49 4.83
PA FAD C . -3.42 -20.79 -1.37
O1A FAD C . -2.07 -20.47 -0.75
O2A FAD C . -3.76 -20.11 -2.66
O5B FAD C . -4.55 -20.49 -0.29
C5B FAD C . -4.43 -20.97 1.04
C4B FAD C . -5.41 -20.17 1.86
O4B FAD C . -5.61 -20.80 3.11
C3B FAD C . -4.91 -18.76 2.12
O3B FAD C . -5.98 -17.85 2.00
C2B FAD C . -4.49 -18.81 3.58
O2B FAD C . -4.63 -17.52 4.16
C1B FAD C . -5.49 -19.81 4.12
N9A FAD C . -5.06 -20.49 5.35
C8A FAD C . -3.80 -20.91 5.72
N7A FAD C . -3.89 -21.50 6.95
C5A FAD C . -5.19 -21.48 7.35
C6A FAD C . -5.85 -21.92 8.49
N6A FAD C . -5.24 -22.64 9.42
N1A FAD C . -7.20 -21.74 8.61
C2A FAD C . -7.91 -21.11 7.61
N3A FAD C . -7.25 -20.67 6.49
C4A FAD C . -5.92 -20.85 6.36
N1 FAD C . 0.54 -21.62 -9.94
C2 FAD C . 0.26 -21.72 -11.26
O2 FAD C . -0.46 -22.63 -11.68
N3 FAD C . 0.76 -20.79 -12.15
C4 FAD C . 1.55 -19.77 -11.73
O4 FAD C . 1.98 -18.97 -12.56
C4X FAD C . 1.85 -19.65 -10.39
N5 FAD C . 2.63 -18.63 -9.93
C5X FAD C . 2.92 -18.52 -8.58
C6 FAD C . 3.70 -17.47 -8.13
C7 FAD C . 3.98 -17.37 -6.77
C7M FAD C . 4.83 -16.25 -6.27
C8 FAD C . 3.46 -18.31 -5.87
C8M FAD C . 3.76 -18.23 -4.40
C9 FAD C . 2.68 -19.36 -6.34
C9A FAD C . 2.40 -19.45 -7.70
N10 FAD C . 1.61 -20.49 -8.16
C10 FAD C . 1.32 -20.59 -9.49
C1' FAD C . 1.08 -21.54 -7.23
C2' FAD C . -0.27 -21.25 -6.63
O2' FAD C . -0.25 -19.97 -6.02
C3' FAD C . -0.58 -22.32 -5.62
O3' FAD C . -0.50 -23.59 -6.24
C4' FAD C . -2.00 -22.06 -5.14
O4' FAD C . -1.94 -20.92 -4.31
C5' FAD C . -2.62 -23.25 -4.41
O5' FAD C . -3.89 -22.84 -3.95
P FAD C . -4.43 -23.25 -2.49
O1P FAD C . -5.88 -22.84 -2.44
O2P FAD C . -4.17 -24.72 -2.21
O3P FAD C . -3.49 -22.41 -1.48
MG MG D . -4.87 -26.30 -0.11
MG MG E . -7.65 -21.70 -0.74
MG MG F . -4.15 -17.23 -3.13
MG MG G . -0.25 -22.46 -0.71
C20 TRT H . 4.02 11.12 -20.94
C19 TRT H . 3.64 12.25 -19.97
O18 TRT H . 2.23 12.14 -19.62
C17 TRT H . 1.35 12.37 -20.69
C16 TRT H . -0.10 12.05 -20.21
O15 TRT H . -0.55 13.13 -19.33
C12 TRT H . -1.97 13.14 -19.06
C13 TRT H . -2.87 13.83 -19.93
C14 TRT H . -4.25 13.85 -19.66
C11 TRT H . -2.46 12.49 -17.93
C10 TRT H . -3.84 12.51 -17.66
C9 TRT H . -4.72 13.19 -18.51
C6 TRT H . -6.21 13.17 -18.17
C8 TRT H . -7.03 13.97 -19.20
C7 TRT H . -6.35 13.85 -16.81
C5 TRT H . -6.73 11.68 -17.99
C1 TRT H . -6.73 10.60 -19.16
C2 TRT H . -8.02 10.71 -19.96
C4 TRT H . -5.52 10.63 -20.12
C3 TRT H . -6.71 9.23 -18.48
C20 TRT I . -14.30 -14.55 -16.28
C19 TRT I . -13.75 -15.43 -17.41
O18 TRT I . -13.68 -14.67 -18.66
C17 TRT I . -12.66 -15.11 -19.56
C16 TRT I . -12.50 -14.10 -20.75
O15 TRT I . -12.22 -12.78 -20.18
C12 TRT I . -11.97 -11.71 -21.11
C13 TRT I . -12.74 -11.58 -22.30
C14 TRT I . -12.48 -10.53 -23.19
C11 TRT I . -10.97 -10.78 -20.83
C10 TRT I . -10.70 -9.72 -21.71
C9 TRT I . -11.47 -9.60 -22.90
C6 TRT I . -11.17 -8.46 -23.87
C8 TRT I . -10.29 -7.43 -23.16
C7 TRT I . -12.50 -7.77 -24.22
C5 TRT I . -10.57 -8.97 -25.25
C1 TRT I . -9.22 -9.80 -25.39
C2 TRT I . -8.02 -8.87 -25.38
C4 TRT I . -9.24 -10.49 -26.76
C3 TRT I . -8.98 -10.89 -24.34
C20 TRT J . 1.67 -0.70 -24.61
C19 TRT J . 2.02 -1.48 -23.34
O18 TRT J . 1.30 -0.91 -22.21
C17 TRT J . -0.10 -1.13 -22.23
C16 TRT J . -0.30 -2.68 -22.16
O15 TRT J . -1.48 -2.97 -21.34
C12 TRT J . -2.35 -3.89 -21.99
C13 TRT J . -3.03 -4.93 -21.29
C14 TRT J . -3.87 -5.80 -22.00
C11 TRT J . -2.51 -3.73 -23.36
C10 TRT J . -3.35 -4.61 -24.08
C9 TRT J . -4.04 -5.63 -23.39
C6 TRT J . -4.95 -6.54 -24.20
C8 TRT J . -4.97 -7.88 -23.45
C7 TRT J . -4.32 -6.80 -25.57
C5 TRT J . -6.45 -6.02 -24.23
C1 TRT J . -7.04 -4.99 -25.30
C2 TRT J . -7.38 -5.65 -26.65
C4 TRT J . -6.14 -3.79 -25.56
C3 TRT J . -8.37 -4.48 -24.74
C ACT K . 5.42 -8.16 -19.00
O ACT K . 5.41 -8.38 -17.76
OXT ACT K . 5.93 -7.07 -19.37
CH3 ACT K . 4.89 -9.15 -19.98
C ACT L . 10.66 -2.40 -18.71
O ACT L . 11.08 -2.42 -17.52
OXT ACT L . 11.52 -2.68 -19.58
CH3 ACT L . 9.24 -2.05 -19.03
C ACT M . 22.18 -5.94 -13.49
O ACT M . 20.95 -6.21 -13.52
OXT ACT M . 22.88 -6.64 -12.71
CH3 ACT M . 22.79 -4.83 -14.31
C ACT N . 22.55 9.32 -8.11
O ACT N . 23.29 8.37 -7.77
OXT ACT N . 21.89 9.86 -7.20
CH3 ACT N . 22.44 9.79 -9.52
C ACT O . 1.50 1.27 -10.88
O ACT O . 2.11 0.26 -11.29
OXT ACT O . 2.08 2.01 -10.05
CH3 ACT O . 0.13 1.59 -11.39
PA FAD P . 5.16 19.76 5.42
O1A FAD P . 4.51 19.04 6.58
O2A FAD P . 4.41 19.69 4.13
O5B FAD P . 6.63 19.20 5.19
C5B FAD P . 7.53 19.04 6.26
C4B FAD P . 8.66 18.17 5.72
O4B FAD P . 9.79 18.26 6.56
C3B FAD P . 8.25 16.70 5.66
O3B FAD P . 8.69 16.16 4.43
C2B FAD P . 9.01 16.05 6.79
O2B FAD P . 9.34 14.70 6.44
C1B FAD P . 10.24 16.95 6.84
N9A FAD P . 10.92 16.97 8.15
C8A FAD P . 10.36 16.99 9.40
N7A FAD P . 11.37 17.03 10.31
C5A FAD P . 12.55 17.08 9.66
C6A FAD P . 13.88 17.13 10.07
N6A FAD P . 14.19 17.19 11.36
N1A FAD P . 14.88 17.16 9.13
C2A FAD P . 14.58 17.12 7.78
N3A FAD P . 13.27 17.07 7.37
C4A FAD P . 12.27 17.04 8.29
N1 FAD P . -3.41 23.33 3.39
C2 FAD P . -4.13 24.00 2.44
O2 FAD P . -3.76 25.12 2.07
N3 FAD P . -5.25 23.44 1.89
C4 FAD P . -5.69 22.20 2.26
O4 FAD P . -6.70 21.74 1.74
C4X FAD P . -4.98 21.51 3.22
N5 FAD P . -5.38 20.25 3.60
C5X FAD P . -4.66 19.56 4.56
C6 FAD P . -5.07 18.30 4.95
C7 FAD P . -4.34 17.60 5.91
C7M FAD P . -4.80 16.23 6.31
C8 FAD P . -3.19 18.17 6.48
C8M FAD P . -2.39 17.44 7.52
C9 FAD P . -2.79 19.45 6.09
C9A FAD P . -3.52 20.13 5.12
N10 FAD P . -3.10 21.40 4.72
C10 FAD P . -3.83 22.07 3.77
C1' FAD P . -1.91 22.04 5.36
C2' FAD P . -0.62 21.77 4.64
O2' FAD P . -0.43 20.38 4.54
C3' FAD P . 0.52 22.37 5.43
O3' FAD P . 0.28 23.75 5.64
C4' FAD P . 1.77 22.15 4.61
O4' FAD P . 2.07 20.77 4.67
C5' FAD P . 2.91 23.01 5.12
O5' FAD P . 4.06 22.75 4.35
P FAD P . 5.52 22.60 5.01
O1P FAD P . 6.51 22.46 3.89
O2P FAD P . 5.79 23.72 5.98
O3P FAD P . 5.42 21.26 5.92
MG MG Q . 7.93 24.49 7.43
MG MG R . 8.75 21.04 3.19
MG MG S . 3.83 17.40 2.39
MG MG T . 3.60 20.42 8.81
C20 TRT U . -18.68 -5.04 -13.91
C19 TRT U . -18.52 -3.60 -14.43
O18 TRT U . -17.34 -3.53 -15.28
C17 TRT U . -17.21 -2.29 -15.98
C16 TRT U . -16.40 -2.51 -17.32
O15 TRT U . -15.40 -3.55 -17.11
C12 TRT U . -14.25 -3.48 -18.01
C13 TRT U . -14.40 -3.57 -19.43
C14 TRT U . -13.28 -3.52 -20.26
C11 TRT U . -12.98 -3.36 -17.46
C10 TRT U . -11.84 -3.30 -18.29
C9 TRT U . -11.99 -3.38 -19.69
C6 TRT U . -10.73 -3.31 -20.56
C8 TRT U . -11.07 -3.43 -22.05
C7 TRT U . -9.88 -4.52 -20.18
C5 TRT U . -9.85 -2.04 -20.21
C1 TRT U . -10.38 -0.55 -20.44
C2 TRT U . -9.59 0.34 -19.48
C4 TRT U . -11.87 -0.30 -20.15
C3 TRT U . -10.07 -0.10 -21.87
C17 TRT V . -17.15 10.13 -12.47
C16 TRT V . -15.83 10.55 -11.72
O15 TRT V . -14.70 10.35 -12.62
C12 TRT V . -13.97 11.57 -12.94
C13 TRT V . -12.75 11.89 -12.27
C14 TRT V . -12.02 13.05 -12.56
C11 TRT V . -14.44 12.43 -13.91
C10 TRT V . -13.73 13.59 -14.21
C9 TRT V . -12.53 13.89 -13.53
C6 TRT V . -11.76 15.16 -13.90
C8 TRT V . -10.51 14.64 -14.60
C7 TRT V . -11.33 15.90 -12.65
C5 TRT V . -12.75 16.00 -14.81
C1 TRT V . -12.22 16.95 -15.96
C2 TRT V . -11.01 17.78 -15.51
C4 TRT V . -13.35 17.93 -16.30
C3 TRT V . -11.89 16.17 -17.25
C20 TRT W . 1.49 22.15 -13.51
C19 TRT W . 0.50 23.30 -13.32
O18 TRT W . -0.51 23.25 -14.38
C17 TRT W . -1.73 23.93 -14.09
C16 TRT W . -2.97 22.98 -14.37
O15 TRT W . -2.98 22.64 -15.79
C12 TRT W . -4.00 21.73 -16.28
C13 TRT W . -4.42 20.58 -15.55
C14 TRT W . -5.41 19.72 -16.08
C11 TRT W . -4.54 21.98 -17.53
C10 TRT W . -5.53 21.12 -18.07
C9 TRT W . -5.96 20.01 -17.35
C6 TRT W . -7.03 19.10 -17.97
C8 TRT W . -6.68 17.68 -17.51
C7 TRT W . -6.88 19.12 -19.50
C5 TRT W . -8.51 19.41 -17.52
C1 TRT W . -9.14 20.88 -17.47
C2 TRT W . -8.48 21.75 -16.40
C4 TRT W . -10.61 20.78 -17.07
C3 TRT W . -9.09 21.59 -18.80
C ACT X . -23.81 6.88 9.77
O ACT X . -24.76 6.14 9.41
OXT ACT X . -23.68 7.05 11.01
CH3 ACT X . -22.88 7.54 8.79
C ACT Y . -20.25 7.90 -2.49
O ACT Y . -19.55 7.31 -1.63
OXT ACT Y . -19.70 8.16 -3.58
CH3 ACT Y . -21.67 8.28 -2.20
C ACT Z . -15.55 14.08 -4.13
O ACT Z . -14.61 13.84 -3.32
OXT ACT Z . -15.51 15.18 -4.73
CH3 ACT Z . -16.67 13.10 -4.35
C ACT AA . 3.14 1.69 -4.29
O ACT AA . 3.64 0.64 -4.75
OXT ACT AA . 2.78 1.67 -3.08
CH3 ACT AA . 2.97 2.92 -5.12
C ACT BA . -1.75 3.80 17.62
O ACT BA . -2.86 3.71 18.20
OXT ACT BA . -1.70 4.58 16.65
CH3 ACT BA . -0.57 3.00 18.05
C ACT CA . -9.44 18.86 21.88
O ACT CA . -10.63 18.47 21.87
OXT ACT CA . -8.86 18.94 20.77
CH3 ACT CA . -8.73 19.24 23.13
C ACT DA . 13.14 47.40 -2.39
O ACT DA . 12.17 46.78 -2.90
OXT ACT DA . 13.43 47.06 -1.22
CH3 ACT DA . 13.90 48.46 -3.14
#